data_6WTF
#
_entry.id   6WTF
#
_cell.length_a   50.355
_cell.length_b   103.085
_cell.length_c   105.757
_cell.angle_alpha   90.000
_cell.angle_beta   94.770
_cell.angle_gamma   90.000
#
_symmetry.space_group_name_H-M   'P 1 21 1'
#
loop_
_entity.id
_entity.type
_entity.pdbx_description
1 polymer 'Tryptophan-C2-methyltransferase containing B12-binding domain'
2 non-polymer 'IRON/SULFUR CLUSTER'
3 non-polymer COBALAMIN
4 non-polymer "S-5'-AZAMETHIONINE-5'-DEOXYADENOSINE"
5 non-polymer TRYPTOPHAN
6 water water
#
_entity_poly.entity_id   1
_entity_poly.type   'polypeptide(L)'
_entity_poly.pdbx_seq_one_letter_code
;MSRLVLLVNPNKVHPPIAPYALDVLTTALEDEGFEVEVLDLTFRRDDWKTCLHEYFAERSPMLVGVTVRNTDTVYAFEQR
PFVGEHREIITEIRRLTDAPVVGGGIGFSTMPFALVEYFGIEYGVKGPGEKILCELATAISEGRDTAGIPGLIRNTERGA
VRVPPAVLTVRHGKTQPAEPTGQFEPRVWQVDQLSVYRRRSGVPRKVDNLEYYRRGGLGSILTKNGCAYRCSHCVEPDAK
GTRYGQRELASVVDEMESLAAQGILDQHTTDSEFNLSIAHAKNLLREIVRRRHADPDNPLNRLRLWVYCQPSPFDEEFAD
LLAAAGCRGVNVGSDHIRPELLSGWKVTEKGGTYYTFEDTERLVRLCRERGILTMVEALFGMPGETPETVRACVDAFMAL
DATVTGFSLGLRLFPYTPMGIEIAEQCAGVRTAPGLQSNTADGPIVLKPLRMCASPAEYERQFMFDEHGNFRLVCYFSPG
LLPDPARAADPEERWHGAVADLWALIDPADHHRVMLPTVEGMSEHDNNYADNPFLTSLGGLGYTGAFWSHWRGREEIMRK
AREAAAQSSHLPTPV
;
_entity_poly.pdbx_strand_id   A,B
#
loop_
_chem_comp.id
_chem_comp.type
_chem_comp.name
_chem_comp.formula
B12 non-polymer COBALAMIN 'C62 H89 Co N13 O14 P 2'
SA8 non-polymer S-5'-AZAMETHIONINE-5'-DEOXYADENOSINE 'C15 H23 N7 O5'
SF4 non-polymer 'IRON/SULFUR CLUSTER' 'Fe4 S4'
#
# COMPACT_ATOMS: atom_id res chain seq x y z
N SER A 2 -4.62 30.07 -7.38
CA SER A 2 -4.52 28.69 -6.94
C SER A 2 -5.79 28.25 -6.22
N ARG A 3 -6.16 26.97 -6.39
CA ARG A 3 -7.33 26.41 -5.74
C ARG A 3 -6.97 25.11 -5.01
N LEU A 4 -5.71 24.97 -4.61
CA LEU A 4 -5.20 23.78 -3.96
C LEU A 4 -5.22 23.95 -2.45
N VAL A 5 -5.91 23.04 -1.76
CA VAL A 5 -5.96 23.01 -0.29
C VAL A 5 -5.30 21.71 0.17
N LEU A 6 -4.41 21.82 1.15
CA LEU A 6 -3.80 20.65 1.76
C LEU A 6 -4.47 20.36 3.09
N LEU A 7 -4.78 19.08 3.32
CA LEU A 7 -5.33 18.60 4.59
C LEU A 7 -4.37 17.57 5.18
N VAL A 8 -3.97 17.78 6.43
CA VAL A 8 -3.01 16.91 7.10
C VAL A 8 -3.72 16.14 8.22
N ASN A 9 -3.40 14.85 8.33
CA ASN A 9 -3.83 14.02 9.47
C ASN A 9 -2.63 13.79 10.38
N PRO A 10 -2.56 14.42 11.55
CA PRO A 10 -1.46 14.18 12.48
C PRO A 10 -1.70 13.07 13.49
N ASN A 11 -2.85 12.40 13.44
CA ASN A 11 -3.16 11.33 14.37
C ASN A 11 -2.19 10.17 14.18
N LYS A 12 -1.44 9.83 15.23
CA LYS A 12 -0.48 8.74 15.20
C LYS A 12 -0.94 7.51 15.97
N VAL A 13 -2.14 7.55 16.55
CA VAL A 13 -2.60 6.46 17.40
C VAL A 13 -2.87 5.22 16.56
N HIS A 14 -2.33 4.07 17.00
CA HIS A 14 -2.64 2.74 16.49
C HIS A 14 -3.34 1.90 17.57
N PRO A 15 -4.27 1.00 17.21
CA PRO A 15 -4.75 0.63 15.87
C PRO A 15 -5.34 1.83 15.13
N PRO A 16 -5.02 1.95 13.85
CA PRO A 16 -5.32 3.19 13.12
C PRO A 16 -6.81 3.36 12.88
N ILE A 17 -7.27 4.61 12.96
CA ILE A 17 -8.65 4.97 12.67
C ILE A 17 -8.63 6.00 11.55
N ALA A 18 -9.33 5.70 10.46
CA ALA A 18 -9.33 6.58 9.31
C ALA A 18 -9.82 7.97 9.71
N PRO A 19 -9.14 9.05 9.27
CA PRO A 19 -9.60 10.41 9.60
C PRO A 19 -10.81 10.80 8.75
N TYR A 20 -11.97 10.32 9.21
CA TYR A 20 -13.22 10.55 8.51
C TYR A 20 -13.42 12.02 8.17
N ALA A 21 -13.04 12.91 9.09
CA ALA A 21 -13.19 14.34 8.90
C ALA A 21 -12.65 14.79 7.54
N LEU A 22 -11.47 14.29 7.15
CA LEU A 22 -10.84 14.72 5.92
C LEU A 22 -11.64 14.29 4.69
N ASP A 23 -12.33 13.15 4.76
CA ASP A 23 -13.20 12.76 3.65
C ASP A 23 -14.40 13.69 3.56
N VAL A 24 -14.98 14.09 4.69
CA VAL A 24 -16.08 15.05 4.66
C VAL A 24 -15.61 16.36 4.04
N LEU A 25 -14.47 16.88 4.50
CA LEU A 25 -13.95 18.15 3.99
C LEU A 25 -13.56 18.04 2.51
N THR A 26 -13.00 16.90 2.11
CA THR A 26 -12.60 16.73 0.72
C THR A 26 -13.79 16.80 -0.22
N THR A 27 -14.87 16.09 0.12
CA THR A 27 -16.07 16.13 -0.71
C THR A 27 -16.61 17.55 -0.84
N ALA A 28 -16.73 18.25 0.29
CA ALA A 28 -17.27 19.61 0.27
C ALA A 28 -16.39 20.54 -0.55
N LEU A 29 -15.07 20.46 -0.36
CA LEU A 29 -14.16 21.33 -1.09
C LEU A 29 -14.19 21.05 -2.58
N GLU A 30 -14.06 19.77 -2.97
CA GLU A 30 -14.07 19.41 -4.39
C GLU A 30 -15.38 19.78 -5.06
N ASP A 31 -16.51 19.58 -4.36
CA ASP A 31 -17.79 20.00 -4.91
C ASP A 31 -17.85 21.51 -5.10
N GLU A 32 -17.02 22.27 -4.40
CA GLU A 32 -16.91 23.71 -4.59
C GLU A 32 -15.87 24.09 -5.64
N GLY A 33 -15.22 23.13 -6.27
CA GLY A 33 -14.27 23.42 -7.33
C GLY A 33 -12.83 23.54 -6.89
N PHE A 34 -12.48 23.07 -5.71
CA PHE A 34 -11.10 23.10 -5.23
C PHE A 34 -10.42 21.76 -5.50
N GLU A 35 -9.09 21.81 -5.53
CA GLU A 35 -8.26 20.61 -5.57
C GLU A 35 -7.79 20.32 -4.16
N VAL A 36 -7.90 19.07 -3.74
CA VAL A 36 -7.63 18.69 -2.36
C VAL A 36 -6.61 17.57 -2.34
N GLU A 37 -5.59 17.71 -1.50
CA GLU A 37 -4.60 16.66 -1.28
C GLU A 37 -4.48 16.40 0.21
N VAL A 38 -4.42 15.13 0.58
CA VAL A 38 -4.35 14.70 1.97
C VAL A 38 -2.96 14.14 2.22
N LEU A 39 -2.31 14.62 3.28
CA LEU A 39 -1.09 14.01 3.82
C LEU A 39 -1.48 13.32 5.12
N ASP A 40 -1.42 11.99 5.12
CA ASP A 40 -1.83 11.18 6.26
C ASP A 40 -0.59 10.64 6.93
N LEU A 41 -0.31 11.11 8.15
CA LEU A 41 0.91 10.75 8.86
C LEU A 41 0.73 9.55 9.78
N THR A 42 -0.46 8.95 9.83
CA THR A 42 -0.71 7.82 10.73
C THR A 42 0.24 6.67 10.45
N PHE A 43 0.56 6.40 9.18
CA PHE A 43 1.50 5.35 8.83
C PHE A 43 2.88 5.89 8.50
N ARG A 44 3.14 7.16 8.82
CA ARG A 44 4.45 7.78 8.67
C ARG A 44 4.95 8.29 10.02
N ARG A 45 4.82 7.47 11.06
CA ARG A 45 5.11 7.92 12.41
C ARG A 45 6.60 8.23 12.58
N ASP A 46 7.46 7.39 12.00
CA ASP A 46 8.90 7.53 12.19
C ASP A 46 9.55 8.45 11.16
N ASP A 47 8.80 8.98 10.20
CA ASP A 47 9.42 9.79 9.16
C ASP A 47 8.42 10.80 8.58
N TRP A 48 7.53 11.32 9.43
CA TRP A 48 6.55 12.30 8.94
C TRP A 48 7.22 13.57 8.44
N LYS A 49 8.36 13.95 9.02
CA LYS A 49 9.07 15.13 8.54
C LYS A 49 9.47 14.97 7.08
N THR A 50 9.97 13.79 6.71
CA THR A 50 10.26 13.49 5.31
C THR A 50 9.02 13.65 4.44
N CYS A 51 7.87 13.14 4.91
CA CYS A 51 6.63 13.31 4.17
C CYS A 51 6.31 14.78 3.96
N LEU A 52 6.52 15.61 4.99
CA LEU A 52 6.27 17.04 4.84
C LEU A 52 7.29 17.70 3.91
N HIS A 53 8.59 17.41 4.13
CA HIS A 53 9.63 17.99 3.30
C HIS A 53 9.37 17.77 1.82
N GLU A 54 9.06 16.52 1.45
CA GLU A 54 8.83 16.21 0.05
C GLU A 54 7.59 16.92 -0.49
N TYR A 55 6.49 16.92 0.27
CA TYR A 55 5.26 17.50 -0.26
C TYR A 55 5.44 19.00 -0.53
N PHE A 56 5.92 19.75 0.46
CA PHE A 56 5.94 21.21 0.32
C PHE A 56 6.98 21.67 -0.69
N ALA A 57 8.02 20.87 -0.93
CA ALA A 57 8.93 21.21 -2.01
C ALA A 57 8.26 21.05 -3.37
N GLU A 58 7.32 20.12 -3.49
CA GLU A 58 6.67 19.80 -4.75
C GLU A 58 5.38 20.58 -5.00
N ARG A 59 4.63 20.91 -3.94
CA ARG A 59 3.33 21.54 -4.07
C ARG A 59 3.29 22.86 -3.32
N SER A 60 2.36 23.71 -3.72
CA SER A 60 2.16 25.03 -3.10
C SER A 60 0.68 25.24 -2.83
N PRO A 61 0.13 24.57 -1.82
CA PRO A 61 -1.25 24.83 -1.44
C PRO A 61 -1.39 26.24 -0.87
N MET A 62 -2.54 26.86 -1.14
CA MET A 62 -2.79 28.20 -0.62
C MET A 62 -3.48 28.20 0.73
N LEU A 63 -3.91 27.03 1.21
CA LEU A 63 -4.46 26.88 2.55
C LEU A 63 -4.14 25.47 3.04
N VAL A 64 -3.64 25.35 4.27
CA VAL A 64 -3.31 24.08 4.87
C VAL A 64 -4.25 23.84 6.04
N GLY A 65 -4.90 22.68 6.06
CA GLY A 65 -5.83 22.30 7.11
C GLY A 65 -5.29 21.14 7.92
N VAL A 66 -5.38 21.25 9.24
CA VAL A 66 -4.92 20.22 10.16
C VAL A 66 -6.10 19.78 11.02
N THR A 67 -6.39 18.48 11.00
CA THR A 67 -7.47 17.94 11.82
C THR A 67 -6.93 17.44 13.15
N VAL A 68 -7.46 17.95 14.24
CA VAL A 68 -7.02 17.52 15.57
C VAL A 68 -8.16 16.71 16.18
N ARG A 69 -8.10 15.39 16.01
CA ARG A 69 -9.16 14.51 16.49
C ARG A 69 -9.17 14.45 18.02
N ASN A 70 -8.01 14.22 18.62
CA ASN A 70 -7.89 13.96 20.04
C ASN A 70 -6.97 14.99 20.67
N THR A 71 -7.44 15.64 21.74
CA THR A 71 -6.55 16.46 22.55
C THR A 71 -5.64 15.59 23.39
N ASP A 72 -6.18 14.50 23.92
CA ASP A 72 -5.42 13.54 24.70
C ASP A 72 -6.19 12.22 24.67
N THR A 73 -5.69 11.22 25.40
CA THR A 73 -6.39 9.94 25.42
C THR A 73 -7.69 9.99 26.22
N VAL A 74 -7.91 11.03 27.03
CA VAL A 74 -9.07 11.17 27.89
C VAL A 74 -9.18 9.94 28.79
N TYR A 75 -8.07 9.59 29.42
CA TYR A 75 -8.01 8.49 30.39
C TYR A 75 -7.36 9.04 31.65
N ALA A 76 -8.16 9.19 32.70
CA ALA A 76 -7.74 9.99 33.87
C ALA A 76 -6.43 9.50 34.47
N PHE A 77 -6.20 8.19 34.47
CA PHE A 77 -4.97 7.67 35.08
C PHE A 77 -3.75 7.85 34.18
N GLU A 78 -3.94 8.13 32.90
CA GLU A 78 -2.82 8.20 31.98
C GLU A 78 -2.38 9.63 31.70
N GLN A 79 -3.32 10.52 31.38
CA GLN A 79 -3.04 11.92 31.11
C GLN A 79 -1.92 12.07 30.08
N ARG A 80 -2.17 11.49 28.92
CA ARG A 80 -1.22 11.51 27.81
C ARG A 80 -1.73 12.51 26.78
N PRO A 81 -1.13 13.69 26.67
CA PRO A 81 -1.59 14.67 25.68
C PRO A 81 -1.12 14.32 24.27
N PHE A 82 -1.91 14.76 23.30
CA PHE A 82 -1.51 14.69 21.89
C PHE A 82 -1.26 16.06 21.26
N VAL A 83 -1.65 17.15 21.93
CA VAL A 83 -1.58 18.47 21.30
C VAL A 83 -0.13 18.95 21.17
N GLY A 84 0.76 18.47 22.04
CA GLY A 84 2.17 18.80 21.87
C GLY A 84 2.74 18.21 20.59
N GLU A 85 2.43 16.93 20.34
CA GLU A 85 2.87 16.28 19.10
C GLU A 85 2.21 16.92 17.90
N HIS A 86 0.94 17.31 18.04
CA HIS A 86 0.29 18.05 16.94
C HIS A 86 0.99 19.39 16.72
N ARG A 87 1.37 20.08 17.80
CA ARG A 87 2.03 21.36 17.64
C ARG A 87 3.38 21.20 16.94
N GLU A 88 4.08 20.10 17.23
CA GLU A 88 5.37 19.85 16.59
C GLU A 88 5.22 19.67 15.09
N ILE A 89 4.14 19.00 14.66
CA ILE A 89 3.90 18.83 13.24
C ILE A 89 3.53 20.17 12.59
N ILE A 90 2.70 20.95 13.29
CA ILE A 90 2.29 22.24 12.75
C ILE A 90 3.48 23.20 12.66
N THR A 91 4.40 23.13 13.62
CA THR A 91 5.60 23.97 13.56
C THR A 91 6.45 23.65 12.35
N GLU A 92 6.58 22.36 12.01
CA GLU A 92 7.32 22.00 10.81
C GLU A 92 6.63 22.53 9.56
N ILE A 93 5.30 22.53 9.55
CA ILE A 93 4.55 23.00 8.39
C ILE A 93 4.81 24.49 8.14
N ARG A 94 4.70 25.31 9.19
CA ARG A 94 4.90 26.75 9.04
C ARG A 94 6.34 27.08 8.68
N ARG A 95 7.28 26.21 9.04
CA ARG A 95 8.67 26.36 8.61
C ARG A 95 8.79 26.23 7.10
N LEU A 96 7.98 25.35 6.49
CA LEU A 96 8.12 24.97 5.09
C LEU A 96 7.25 25.80 4.15
N THR A 97 6.27 26.54 4.66
CA THR A 97 5.39 27.33 3.81
C THR A 97 4.91 28.53 4.61
N ASP A 98 4.45 29.55 3.89
CA ASP A 98 3.80 30.71 4.50
C ASP A 98 2.30 30.70 4.30
N ALA A 99 1.76 29.68 3.62
CA ALA A 99 0.32 29.56 3.46
C ALA A 99 -0.35 29.49 4.83
N PRO A 100 -1.55 30.07 4.96
CA PRO A 100 -2.23 30.04 6.27
C PRO A 100 -2.64 28.62 6.64
N VAL A 101 -2.72 28.39 7.95
CA VAL A 101 -3.07 27.10 8.52
C VAL A 101 -4.38 27.25 9.28
N VAL A 102 -5.33 26.35 9.01
CA VAL A 102 -6.61 26.35 9.70
C VAL A 102 -6.76 25.04 10.46
N GLY A 103 -7.15 25.12 11.73
CA GLY A 103 -7.31 23.95 12.58
C GLY A 103 -8.76 23.53 12.70
N GLY A 104 -8.98 22.25 12.94
CA GLY A 104 -10.32 21.73 13.13
C GLY A 104 -10.27 20.36 13.79
N GLY A 105 -11.45 19.87 14.15
CA GLY A 105 -11.56 18.59 14.81
C GLY A 105 -12.48 18.57 16.02
N ILE A 106 -12.95 17.38 16.38
CA ILE A 106 -13.79 17.25 17.57
C ILE A 106 -13.00 17.63 18.82
N GLY A 107 -11.86 16.98 19.03
CA GLY A 107 -11.00 17.38 20.14
C GLY A 107 -10.58 18.83 20.04
N PHE A 108 -10.30 19.29 18.81
CA PHE A 108 -9.98 20.70 18.61
C PHE A 108 -11.14 21.58 19.09
N SER A 109 -12.36 21.19 18.80
CA SER A 109 -13.54 21.97 19.16
C SER A 109 -13.84 21.99 20.65
N THR A 110 -13.15 21.18 21.45
CA THR A 110 -13.28 21.29 22.91
C THR A 110 -12.51 22.47 23.47
N MET A 111 -11.56 23.01 22.72
CA MET A 111 -10.76 24.15 23.16
C MET A 111 -10.16 24.85 21.94
N PRO A 112 -11.01 25.35 21.03
CA PRO A 112 -10.47 25.83 19.75
C PRO A 112 -9.70 27.12 19.88
N PHE A 113 -10.16 28.04 20.72
CA PHE A 113 -9.43 29.30 20.91
C PHE A 113 -8.06 29.05 21.53
N ALA A 114 -7.99 28.21 22.56
CA ALA A 114 -6.71 27.91 23.17
C ALA A 114 -5.75 27.27 22.18
N LEU A 115 -6.24 26.35 21.36
CA LEU A 115 -5.36 25.64 20.43
C LEU A 115 -4.92 26.52 19.29
N VAL A 116 -5.80 27.41 18.81
CA VAL A 116 -5.39 28.36 17.77
C VAL A 116 -4.20 29.17 18.23
N GLU A 117 -4.24 29.69 19.46
CA GLU A 117 -3.12 30.45 19.98
C GLU A 117 -1.93 29.56 20.31
N TYR A 118 -2.18 28.36 20.84
CA TYR A 118 -1.09 27.46 21.20
C TYR A 118 -0.37 26.93 19.95
N PHE A 119 -1.12 26.54 18.92
CA PHE A 119 -0.48 26.13 17.68
C PHE A 119 0.15 27.29 16.94
N GLY A 120 -0.33 28.50 17.16
CA GLY A 120 0.16 29.66 16.44
C GLY A 120 -0.28 29.69 14.98
N ILE A 121 -1.52 29.31 14.70
CA ILE A 121 -2.02 29.23 13.35
C ILE A 121 -3.04 30.34 13.12
N GLU A 122 -3.33 30.59 11.85
CA GLU A 122 -4.15 31.74 11.49
C GLU A 122 -5.61 31.53 11.84
N TYR A 123 -6.14 30.32 11.67
CA TYR A 123 -7.57 30.13 11.72
C TYR A 123 -7.93 28.84 12.44
N GLY A 124 -9.18 28.79 12.88
CA GLY A 124 -9.73 27.58 13.48
C GLY A 124 -11.24 27.56 13.32
N VAL A 125 -11.79 26.35 13.38
CA VAL A 125 -13.23 26.14 13.29
C VAL A 125 -13.66 25.28 14.48
N LYS A 126 -14.83 25.61 15.05
CA LYS A 126 -15.43 24.86 16.15
C LYS A 126 -16.67 24.15 15.61
N GLY A 127 -16.71 22.83 15.75
CA GLY A 127 -17.82 22.06 15.24
C GLY A 127 -17.56 21.62 13.81
N PRO A 128 -18.61 21.19 13.11
CA PRO A 128 -18.44 20.74 11.73
C PRO A 128 -17.87 21.85 10.86
N GLY A 129 -16.95 21.49 9.98
CA GLY A 129 -16.21 22.50 9.26
C GLY A 129 -16.40 22.55 7.75
N GLU A 130 -17.22 21.67 7.19
CA GLU A 130 -17.28 21.55 5.73
C GLU A 130 -17.78 22.83 5.07
N LYS A 131 -18.72 23.52 5.70
CA LYS A 131 -19.24 24.74 5.07
C LYS A 131 -18.32 25.93 5.35
N ILE A 132 -17.83 26.05 6.58
CA ILE A 132 -16.96 27.18 6.93
C ILE A 132 -15.64 27.07 6.17
N LEU A 133 -15.11 25.86 6.02
CA LEU A 133 -13.83 25.70 5.33
C LEU A 133 -13.94 26.10 3.86
N CYS A 134 -15.08 25.79 3.23
CA CYS A 134 -15.27 26.17 1.83
C CYS A 134 -15.28 27.69 1.67
N GLU A 135 -15.93 28.40 2.60
CA GLU A 135 -15.90 29.85 2.54
C GLU A 135 -14.51 30.40 2.81
N LEU A 136 -13.78 29.79 3.76
CA LEU A 136 -12.42 30.23 4.03
C LEU A 136 -11.51 30.03 2.82
N ALA A 137 -11.56 28.83 2.22
CA ALA A 137 -10.75 28.56 1.04
C ALA A 137 -11.11 29.51 -0.09
N THR A 138 -12.41 29.81 -0.24
CA THR A 138 -12.83 30.74 -1.28
C THR A 138 -12.30 32.15 -1.01
N ALA A 139 -12.33 32.58 0.25
CA ALA A 139 -11.83 33.91 0.58
C ALA A 139 -10.33 34.01 0.31
N ILE A 140 -9.56 33.00 0.73
CA ILE A 140 -8.12 33.02 0.51
C ILE A 140 -7.82 33.02 -0.98
N SER A 141 -8.47 32.10 -1.71
CA SER A 141 -8.20 31.95 -3.13
C SER A 141 -8.53 33.22 -3.92
N GLU A 142 -9.61 33.90 -3.55
CA GLU A 142 -10.04 35.09 -4.25
C GLU A 142 -9.37 36.37 -3.73
N GLY A 143 -8.45 36.25 -2.78
CA GLY A 143 -7.83 37.43 -2.20
C GLY A 143 -8.74 38.30 -1.36
N ARG A 144 -9.72 37.71 -0.70
CA ARG A 144 -10.75 38.46 0.02
C ARG A 144 -10.47 38.50 1.51
N ASP A 145 -11.14 39.45 2.18
CA ASP A 145 -11.08 39.55 3.63
C ASP A 145 -11.80 38.37 4.27
N THR A 146 -11.27 37.89 5.39
CA THR A 146 -11.89 36.81 6.15
C THR A 146 -12.66 37.30 7.37
N ALA A 147 -12.68 38.61 7.62
CA ALA A 147 -13.29 39.14 8.84
C ALA A 147 -14.79 38.92 8.89
N GLY A 148 -15.42 38.53 7.79
CA GLY A 148 -16.86 38.38 7.76
C GLY A 148 -17.32 36.95 7.55
N ILE A 149 -16.42 35.97 7.72
CA ILE A 149 -16.79 34.58 7.51
C ILE A 149 -17.48 34.06 8.77
N PRO A 150 -18.78 33.82 8.73
CA PRO A 150 -19.50 33.44 9.97
C PRO A 150 -18.96 32.12 10.53
N GLY A 151 -18.70 32.12 11.83
CA GLY A 151 -18.24 30.94 12.52
C GLY A 151 -16.74 30.75 12.51
N LEU A 152 -16.00 31.56 11.76
CA LEU A 152 -14.56 31.39 11.67
C LEU A 152 -13.87 32.02 12.87
N ILE A 153 -13.01 31.25 13.52
CA ILE A 153 -12.15 31.78 14.58
C ILE A 153 -10.86 32.28 13.93
N ARG A 154 -10.51 33.53 14.21
CA ARG A 154 -9.36 34.16 13.58
C ARG A 154 -8.34 34.53 14.66
N ASN A 155 -7.07 34.30 14.35
CA ASN A 155 -5.99 34.59 15.29
C ASN A 155 -5.49 36.00 15.04
N THR A 156 -5.95 36.94 15.86
CA THR A 156 -5.46 38.31 15.79
C THR A 156 -4.23 38.47 16.68
N GLU A 157 -3.60 39.64 16.60
CA GLU A 157 -2.37 39.89 17.34
C GLU A 157 -2.60 39.93 18.85
N ARG A 158 -3.82 40.19 19.30
CA ARG A 158 -4.17 40.11 20.71
C ARG A 158 -4.70 38.75 21.13
N GLY A 159 -5.06 37.90 20.17
CA GLY A 159 -5.52 36.57 20.50
C GLY A 159 -6.62 36.11 19.57
N ALA A 160 -7.08 34.89 19.78
CA ALA A 160 -8.08 34.30 18.90
C ALA A 160 -9.45 34.94 19.13
N VAL A 161 -10.09 35.37 18.04
CA VAL A 161 -11.39 36.02 18.08
C VAL A 161 -12.26 35.39 17.00
N ARG A 162 -13.53 35.18 17.30
CA ARG A 162 -14.45 34.47 16.42
C ARG A 162 -15.41 35.44 15.74
N VAL A 163 -15.63 35.23 14.45
CA VAL A 163 -16.72 35.93 13.75
C VAL A 163 -18.04 35.32 14.18
N PRO A 164 -19.08 36.12 14.47
CA PRO A 164 -20.34 35.52 14.91
C PRO A 164 -21.04 34.82 13.76
N PRO A 165 -21.75 33.71 14.03
CA PRO A 165 -22.48 32.96 13.00
C PRO A 165 -23.72 33.71 12.50
N ALA A 178 -24.28 36.60 20.26
CA ALA A 178 -23.39 35.47 20.08
C ALA A 178 -22.44 35.33 21.26
N GLU A 179 -22.30 34.09 21.75
CA GLU A 179 -21.33 33.80 22.79
C GLU A 179 -19.93 33.97 22.22
N PRO A 180 -19.06 34.79 22.82
CA PRO A 180 -17.69 34.91 22.30
C PRO A 180 -16.96 33.59 22.21
N THR A 181 -17.33 32.61 23.05
CA THR A 181 -16.77 31.27 22.96
C THR A 181 -17.52 30.37 22.00
N GLY A 182 -18.70 30.79 21.53
CA GLY A 182 -19.51 29.92 20.68
C GLY A 182 -19.99 28.67 21.36
N GLN A 183 -19.99 28.64 22.70
CA GLN A 183 -20.35 27.46 23.45
C GLN A 183 -21.81 27.07 23.21
N PHE A 184 -22.04 25.75 23.09
CA PHE A 184 -23.38 25.15 23.12
C PHE A 184 -24.32 25.75 22.08
N GLU A 185 -23.82 25.92 20.87
CA GLU A 185 -24.68 26.31 19.77
C GLU A 185 -25.22 25.08 19.04
N PRO A 186 -26.34 25.21 18.34
CA PRO A 186 -26.87 24.04 17.60
C PRO A 186 -25.93 23.54 16.50
N ARG A 187 -25.31 24.45 15.76
CA ARG A 187 -24.33 24.15 14.72
C ARG A 187 -24.90 23.32 13.57
N VAL A 188 -26.23 23.23 13.46
CA VAL A 188 -26.81 22.48 12.35
C VAL A 188 -26.46 23.13 11.02
N TRP A 189 -26.41 24.46 10.99
CA TRP A 189 -26.08 25.17 9.76
C TRP A 189 -24.68 24.84 9.27
N GLN A 190 -23.80 24.35 10.15
CA GLN A 190 -22.45 23.98 9.73
C GLN A 190 -22.39 22.66 8.99
N VAL A 191 -23.46 21.86 9.03
CA VAL A 191 -23.45 20.48 8.57
C VAL A 191 -23.88 20.41 7.11
N ASP A 192 -23.19 19.58 6.33
CA ASP A 192 -23.61 19.19 4.98
C ASP A 192 -24.53 17.99 5.13
N GLN A 193 -25.84 18.22 5.07
CA GLN A 193 -26.83 17.19 5.32
C GLN A 193 -27.28 16.46 4.06
N LEU A 194 -26.80 16.86 2.88
CA LEU A 194 -27.26 16.30 1.62
C LEU A 194 -26.27 15.36 0.96
N SER A 195 -24.99 15.72 0.92
CA SER A 195 -24.04 15.05 0.04
C SER A 195 -23.69 13.65 0.54
N VAL A 196 -23.28 12.81 -0.40
CA VAL A 196 -22.59 11.58 -0.09
C VAL A 196 -21.12 11.91 0.16
N TYR A 197 -20.60 11.49 1.31
CA TYR A 197 -19.19 11.69 1.61
C TYR A 197 -18.41 10.61 0.88
N ARG A 198 -17.62 11.00 -0.12
CA ARG A 198 -16.88 10.04 -0.93
C ARG A 198 -15.75 9.43 -0.11
N ARG A 199 -15.74 8.10 -0.03
CA ARG A 199 -14.72 7.35 0.71
C ARG A 199 -13.89 6.55 -0.30
N ARG A 200 -12.61 6.91 -0.45
CA ARG A 200 -11.75 6.35 -1.47
C ARG A 200 -10.76 5.36 -0.86
N SER A 201 -10.21 4.51 -1.73
CA SER A 201 -9.21 3.51 -1.35
C SER A 201 -8.18 3.40 -2.46
N GLY A 202 -6.91 3.32 -2.07
CA GLY A 202 -5.82 3.21 -3.03
C GLY A 202 -5.51 4.44 -3.83
N VAL A 203 -6.02 5.61 -3.44
CA VAL A 203 -5.82 6.84 -4.18
C VAL A 203 -4.73 7.65 -3.49
N PRO A 204 -3.65 8.03 -4.18
CA PRO A 204 -2.63 8.87 -3.55
C PRO A 204 -3.18 10.21 -3.12
N ARG A 205 -2.65 10.71 -2.00
CA ARG A 205 -3.02 12.01 -1.44
C ARG A 205 -4.53 12.13 -1.22
N LYS A 206 -5.16 11.00 -0.91
CA LYS A 206 -6.52 10.95 -0.42
C LYS A 206 -6.56 9.95 0.73
N VAL A 207 -7.56 10.09 1.60
CA VAL A 207 -7.69 9.15 2.71
C VAL A 207 -7.92 7.75 2.15
N ASP A 208 -7.10 6.80 2.61
CA ASP A 208 -7.09 5.42 2.10
C ASP A 208 -7.87 4.53 3.07
N ASN A 209 -9.18 4.41 2.81
CA ASN A 209 -10.05 3.76 3.77
C ASN A 209 -9.77 2.26 3.87
N LEU A 210 -9.46 1.60 2.75
CA LEU A 210 -9.17 0.17 2.79
C LEU A 210 -7.90 -0.11 3.59
N GLU A 211 -6.89 0.74 3.45
CA GLU A 211 -5.67 0.60 4.26
C GLU A 211 -6.00 0.62 5.74
N TYR A 212 -6.88 1.54 6.16
CA TYR A 212 -7.28 1.55 7.57
C TYR A 212 -8.05 0.30 7.95
N TYR A 213 -8.91 -0.20 7.05
CA TYR A 213 -9.67 -1.41 7.37
C TYR A 213 -8.77 -2.62 7.49
N ARG A 214 -7.81 -2.76 6.57
CA ARG A 214 -6.90 -3.90 6.63
C ARG A 214 -6.00 -3.82 7.86
N ARG A 215 -5.58 -2.61 8.24
CA ARG A 215 -4.61 -2.47 9.31
C ARG A 215 -5.26 -2.23 10.67
N GLY A 216 -6.45 -1.65 10.71
CA GLY A 216 -7.09 -1.32 11.98
C GLY A 216 -8.32 -2.15 12.28
N GLY A 217 -9.07 -2.51 11.23
CA GLY A 217 -10.21 -3.39 11.35
C GLY A 217 -11.56 -2.73 11.18
N LEU A 218 -11.62 -1.41 11.03
CA LEU A 218 -12.90 -0.69 11.05
C LEU A 218 -13.07 0.26 9.88
N GLY A 219 -14.31 0.39 9.43
CA GLY A 219 -14.80 1.54 8.71
C GLY A 219 -15.74 2.34 9.60
N SER A 220 -16.18 3.49 9.08
CA SER A 220 -16.97 4.42 9.87
C SER A 220 -18.06 5.05 9.01
N ILE A 221 -19.15 5.46 9.66
CA ILE A 221 -20.26 6.09 8.95
C ILE A 221 -20.97 7.03 9.90
N LEU A 222 -21.26 8.23 9.40
CA LEU A 222 -21.98 9.25 10.15
C LEU A 222 -23.40 9.33 9.62
N THR A 223 -24.37 9.26 10.52
CA THR A 223 -25.76 9.45 10.13
C THR A 223 -26.33 10.78 10.59
N LYS A 224 -25.78 11.38 11.65
CA LYS A 224 -26.28 12.65 12.14
C LYS A 224 -25.23 13.27 13.06
N ASN A 225 -25.11 14.59 12.98
CA ASN A 225 -24.20 15.35 13.81
C ASN A 225 -24.94 15.92 15.01
N GLY A 226 -24.26 15.95 16.15
CA GLY A 226 -24.74 16.63 17.34
C GLY A 226 -25.33 15.70 18.38
N CYS A 227 -25.55 16.26 19.56
CA CYS A 227 -26.25 15.58 20.64
C CYS A 227 -27.07 16.59 21.41
N ALA A 228 -28.36 16.31 21.58
CA ALA A 228 -29.26 17.24 22.24
C ALA A 228 -29.21 17.16 23.77
N TYR A 229 -28.47 16.21 24.33
CA TYR A 229 -28.43 16.10 25.79
C TYR A 229 -27.28 16.95 26.33
N ARG A 230 -26.98 16.78 27.61
CA ARG A 230 -26.04 17.68 28.28
C ARG A 230 -25.38 16.93 29.43
N CYS A 231 -24.92 15.70 29.17
CA CYS A 231 -24.30 14.91 30.22
C CYS A 231 -23.06 15.61 30.74
N SER A 232 -22.95 15.70 32.06
CA SER A 232 -21.98 16.60 32.69
C SER A 232 -20.53 16.22 32.38
N HIS A 233 -20.28 15.01 31.88
CA HIS A 233 -18.92 14.56 31.61
C HIS A 233 -18.51 14.78 30.16
N CYS A 234 -19.43 15.08 29.26
CA CYS A 234 -19.24 14.85 27.83
C CYS A 234 -19.01 16.16 27.09
N VAL A 235 -17.96 16.19 26.26
CA VAL A 235 -17.63 17.36 25.46
C VAL A 235 -18.49 17.51 24.22
N GLU A 236 -19.22 16.46 23.81
CA GLU A 236 -19.80 16.43 22.47
C GLU A 236 -20.93 17.42 22.25
N PRO A 237 -21.86 17.64 23.20
CA PRO A 237 -22.90 18.65 22.95
C PRO A 237 -22.35 20.00 22.55
N ASP A 238 -21.27 20.45 23.19
CA ASP A 238 -20.67 21.71 22.80
C ASP A 238 -19.83 21.56 21.53
N ALA A 239 -18.88 20.62 21.55
CA ALA A 239 -17.89 20.55 20.48
C ALA A 239 -18.50 20.10 19.17
N LYS A 240 -19.59 19.32 19.21
CA LYS A 240 -20.26 18.91 17.98
C LYS A 240 -21.46 19.78 17.63
N GLY A 241 -22.27 20.13 18.61
CA GLY A 241 -23.52 20.85 18.38
C GLY A 241 -24.58 20.25 19.27
N THR A 242 -25.54 21.09 19.67
CA THR A 242 -26.58 20.71 20.62
C THR A 242 -27.89 20.32 19.95
N ARG A 243 -27.97 20.41 18.62
CA ARG A 243 -29.14 19.97 17.90
C ARG A 243 -28.72 19.05 16.77
N TYR A 244 -29.61 18.14 16.38
CA TYR A 244 -29.25 17.10 15.43
C TYR A 244 -29.30 17.66 14.01
N GLY A 245 -28.18 17.54 13.31
CA GLY A 245 -28.16 17.75 11.87
C GLY A 245 -28.13 16.41 11.17
N GLN A 246 -29.31 15.93 10.77
CA GLN A 246 -29.44 14.60 10.16
C GLN A 246 -29.10 14.64 8.68
N ARG A 247 -28.39 13.61 8.22
CA ARG A 247 -28.08 13.44 6.81
C ARG A 247 -29.23 12.73 6.08
N GLU A 248 -29.29 12.96 4.77
CA GLU A 248 -30.21 12.20 3.94
C GLU A 248 -29.90 10.71 4.08
N LEU A 249 -30.95 9.93 4.32
CA LEU A 249 -30.76 8.49 4.52
C LEU A 249 -30.16 7.86 3.26
N ALA A 250 -30.68 8.22 2.09
CA ALA A 250 -30.16 7.66 0.84
C ALA A 250 -28.68 7.96 0.69
N SER A 251 -28.24 9.16 1.10
CA SER A 251 -26.83 9.50 1.05
C SER A 251 -26.02 8.70 2.06
N VAL A 252 -26.60 8.43 3.24
CA VAL A 252 -25.91 7.63 4.24
C VAL A 252 -25.76 6.18 3.76
N VAL A 253 -26.86 5.60 3.28
CA VAL A 253 -26.82 4.21 2.80
C VAL A 253 -25.98 4.09 1.55
N ASP A 254 -26.02 5.11 0.67
CA ASP A 254 -25.10 5.12 -0.48
C ASP A 254 -23.65 5.01 -0.02
N GLU A 255 -23.28 5.79 1.00
CA GLU A 255 -21.90 5.76 1.48
C GLU A 255 -21.57 4.42 2.11
N MET A 256 -22.50 3.86 2.89
CA MET A 256 -22.30 2.53 3.47
C MET A 256 -22.18 1.47 2.40
N GLU A 257 -23.01 1.55 1.35
CA GLU A 257 -22.91 0.59 0.26
C GLU A 257 -21.58 0.74 -0.47
N SER A 258 -21.09 1.98 -0.60
CA SER A 258 -19.80 2.21 -1.22
C SER A 258 -18.68 1.56 -0.42
N LEU A 259 -18.72 1.69 0.91
CA LEU A 259 -17.70 1.05 1.74
C LEU A 259 -17.80 -0.47 1.65
N ALA A 260 -19.02 -1.00 1.78
CA ALA A 260 -19.20 -2.44 1.70
C ALA A 260 -18.70 -2.99 0.37
N ALA A 261 -18.91 -2.24 -0.72
CA ALA A 261 -18.45 -2.68 -2.03
C ALA A 261 -16.93 -2.84 -2.06
N GLN A 262 -16.20 -1.98 -1.36
CA GLN A 262 -14.75 -2.07 -1.28
C GLN A 262 -14.26 -3.17 -0.33
N GLY A 263 -15.18 -3.88 0.33
CA GLY A 263 -14.80 -4.88 1.31
C GLY A 263 -14.72 -4.40 2.74
N ILE A 264 -15.09 -3.14 3.00
CA ILE A 264 -15.05 -2.60 4.36
C ILE A 264 -16.39 -2.95 5.00
N LEU A 265 -16.46 -4.14 5.59
CA LEU A 265 -17.74 -4.69 6.06
C LEU A 265 -18.07 -4.29 7.49
N ASP A 266 -17.06 -4.12 8.35
CA ASP A 266 -17.27 -3.69 9.73
C ASP A 266 -17.29 -2.16 9.78
N GLN A 267 -18.47 -1.59 10.02
CA GLN A 267 -18.65 -0.15 9.99
C GLN A 267 -19.14 0.34 11.36
N HIS A 268 -18.39 1.26 11.95
CA HIS A 268 -18.74 1.82 13.25
C HIS A 268 -19.43 3.16 13.03
N THR A 269 -20.62 3.32 13.60
CA THR A 269 -21.30 4.61 13.49
C THR A 269 -20.52 5.66 14.27
N THR A 270 -20.54 6.88 13.76
CA THR A 270 -19.81 7.98 14.38
C THR A 270 -20.75 9.05 14.92
N ASP A 271 -22.03 8.70 15.09
CA ASP A 271 -22.95 9.59 15.78
C ASP A 271 -22.54 9.72 17.24
N SER A 272 -22.98 10.81 17.87
CA SER A 272 -22.85 10.92 19.31
C SER A 272 -23.51 9.73 19.99
N GLU A 273 -24.75 9.44 19.63
CA GLU A 273 -25.47 8.24 20.07
C GLU A 273 -26.38 7.81 18.94
N PHE A 274 -26.22 6.56 18.47
CA PHE A 274 -27.00 6.14 17.31
C PHE A 274 -28.50 6.14 17.62
N ASN A 275 -28.89 5.69 18.81
CA ASN A 275 -30.31 5.50 19.09
C ASN A 275 -31.01 6.78 19.54
N LEU A 276 -30.27 7.87 19.76
CA LEU A 276 -30.89 9.18 19.95
C LEU A 276 -31.31 9.76 18.61
N SER A 277 -32.39 10.55 18.64
CA SER A 277 -33.14 10.92 17.44
C SER A 277 -33.59 9.64 16.73
N ILE A 278 -34.46 8.92 17.43
CA ILE A 278 -34.66 7.48 17.19
C ILE A 278 -35.36 7.22 15.88
N ALA A 279 -36.30 8.10 15.48
CA ALA A 279 -37.05 7.87 14.25
C ALA A 279 -36.13 7.84 13.04
N HIS A 280 -35.13 8.72 13.04
CA HIS A 280 -34.17 8.78 11.95
C HIS A 280 -33.31 7.51 11.93
N ALA A 281 -32.93 7.01 13.11
CA ALA A 281 -32.16 5.77 13.17
C ALA A 281 -32.98 4.58 12.68
N LYS A 282 -34.26 4.51 13.05
CA LYS A 282 -35.10 3.42 12.58
C LYS A 282 -35.33 3.48 11.09
N ASN A 283 -35.56 4.69 10.56
CA ASN A 283 -35.71 4.85 9.12
C ASN A 283 -34.43 4.52 8.38
N LEU A 284 -33.28 4.78 9.00
CA LEU A 284 -32.01 4.38 8.39
C LEU A 284 -31.92 2.86 8.30
N LEU A 285 -32.24 2.17 9.39
CA LEU A 285 -32.17 0.71 9.38
C LEU A 285 -33.16 0.11 8.39
N ARG A 286 -34.33 0.72 8.25
CA ARG A 286 -35.30 0.21 7.29
C ARG A 286 -34.75 0.29 5.87
N GLU A 287 -34.08 1.40 5.53
CA GLU A 287 -33.53 1.53 4.18
C GLU A 287 -32.42 0.52 3.94
N ILE A 288 -31.60 0.23 4.95
CA ILE A 288 -30.56 -0.78 4.80
C ILE A 288 -31.17 -2.15 4.57
N VAL A 289 -32.19 -2.50 5.37
CA VAL A 289 -32.86 -3.79 5.21
C VAL A 289 -33.48 -3.88 3.82
N ARG A 290 -34.11 -2.80 3.36
CA ARG A 290 -34.78 -2.83 2.07
C ARG A 290 -33.79 -3.11 0.94
N ARG A 291 -32.64 -2.43 0.94
CA ARG A 291 -31.66 -2.63 -0.11
C ARG A 291 -31.03 -4.02 -0.01
N ARG A 292 -30.81 -4.50 1.21
CA ARG A 292 -30.32 -5.86 1.40
C ARG A 292 -31.27 -6.87 0.77
N HIS A 293 -32.58 -6.68 0.97
CA HIS A 293 -33.57 -7.61 0.42
C HIS A 293 -33.74 -7.42 -1.08
N ALA A 294 -33.53 -6.21 -1.60
CA ALA A 294 -33.83 -5.95 -3.01
C ALA A 294 -32.88 -6.68 -3.95
N ASP A 295 -31.66 -6.95 -3.53
CA ASP A 295 -30.65 -7.58 -4.38
C ASP A 295 -29.66 -8.33 -3.51
N PRO A 296 -29.57 -9.66 -3.66
CA PRO A 296 -28.63 -10.42 -2.82
C PRO A 296 -27.17 -10.07 -3.08
N ASP A 297 -26.86 -9.51 -4.25
CA ASP A 297 -25.49 -9.10 -4.56
C ASP A 297 -25.12 -7.77 -3.92
N ASN A 298 -26.08 -7.01 -3.42
CA ASN A 298 -25.76 -5.74 -2.76
C ASN A 298 -24.79 -6.03 -1.62
N PRO A 299 -23.62 -5.39 -1.57
CA PRO A 299 -22.65 -5.72 -0.53
C PRO A 299 -23.13 -5.41 0.89
N LEU A 300 -24.17 -4.59 1.04
CA LEU A 300 -24.76 -4.38 2.36
C LEU A 300 -25.27 -5.68 2.98
N ASN A 301 -25.43 -6.74 2.18
CA ASN A 301 -25.82 -8.04 2.72
C ASN A 301 -24.73 -8.67 3.57
N ARG A 302 -23.50 -8.15 3.52
CA ARG A 302 -22.43 -8.59 4.40
C ARG A 302 -22.05 -7.51 5.41
N LEU A 303 -22.89 -6.49 5.60
CA LEU A 303 -22.62 -5.42 6.55
C LEU A 303 -22.51 -5.96 7.97
N ARG A 304 -21.52 -5.45 8.70
CA ARG A 304 -21.36 -5.71 10.12
C ARG A 304 -21.32 -4.35 10.81
N LEU A 305 -22.46 -3.92 11.35
CA LEU A 305 -22.63 -2.59 11.92
C LEU A 305 -22.31 -2.59 13.40
N TRP A 306 -21.53 -1.61 13.85
CA TRP A 306 -21.19 -1.41 15.24
C TRP A 306 -21.59 0.00 15.64
N VAL A 307 -22.28 0.13 16.79
CA VAL A 307 -22.96 1.37 17.14
C VAL A 307 -22.69 1.77 18.58
N TYR A 308 -22.92 3.05 18.86
CA TYR A 308 -23.02 3.60 20.21
C TYR A 308 -24.49 3.80 20.55
N CYS A 309 -24.86 3.49 21.79
CA CYS A 309 -26.22 3.73 22.24
C CYS A 309 -26.23 4.20 23.69
N GLN A 310 -27.28 4.92 24.03
CA GLN A 310 -27.68 5.16 25.40
C GLN A 310 -28.72 4.11 25.79
N PRO A 311 -28.92 3.86 27.09
CA PRO A 311 -29.85 2.80 27.49
C PRO A 311 -31.26 3.01 26.98
N SER A 312 -31.66 4.26 26.73
CA SER A 312 -32.98 4.55 26.19
C SER A 312 -32.82 5.61 25.11
N PRO A 313 -33.63 5.54 24.03
CA PRO A 313 -34.64 4.52 23.75
C PRO A 313 -34.07 3.30 23.02
N PHE A 314 -34.43 2.12 23.49
CA PHE A 314 -33.95 0.87 22.88
C PHE A 314 -35.07 -0.15 23.07
N ASP A 315 -35.99 -0.19 22.11
CA ASP A 315 -37.16 -1.06 22.20
C ASP A 315 -37.00 -2.27 21.27
N GLU A 316 -37.99 -3.15 21.31
CA GLU A 316 -37.93 -4.40 20.56
C GLU A 316 -37.92 -4.16 19.06
N GLU A 317 -38.66 -3.14 18.61
CA GLU A 317 -38.65 -2.81 17.18
C GLU A 317 -37.27 -2.34 16.73
N PHE A 318 -36.62 -1.51 17.53
CA PHE A 318 -35.26 -1.08 17.22
C PHE A 318 -34.30 -2.27 17.19
N ALA A 319 -34.46 -3.19 18.15
CA ALA A 319 -33.60 -4.36 18.19
C ALA A 319 -33.80 -5.24 16.95
N ASP A 320 -35.05 -5.43 16.53
CA ASP A 320 -35.31 -6.22 15.34
C ASP A 320 -34.67 -5.58 14.10
N LEU A 321 -34.76 -4.25 14.00
CA LEU A 321 -34.20 -3.57 12.85
C LEU A 321 -32.67 -3.66 12.83
N LEU A 322 -32.04 -3.51 14.00
CA LEU A 322 -30.58 -3.67 14.08
C LEU A 322 -30.17 -5.06 13.63
N ALA A 323 -30.87 -6.08 14.12
CA ALA A 323 -30.54 -7.45 13.76
C ALA A 323 -30.67 -7.67 12.25
N ALA A 324 -31.74 -7.16 11.67
CA ALA A 324 -32.01 -7.38 10.26
C ALA A 324 -31.06 -6.57 9.36
N ALA A 325 -30.67 -5.38 9.80
CA ALA A 325 -29.78 -4.53 8.99
C ALA A 325 -28.34 -5.01 9.01
N GLY A 326 -27.97 -5.86 9.96
CA GLY A 326 -26.62 -6.36 10.07
C GLY A 326 -25.85 -5.88 11.27
N CYS A 327 -26.51 -5.35 12.29
CA CYS A 327 -25.80 -4.91 13.48
C CYS A 327 -25.15 -6.09 14.18
N ARG A 328 -23.92 -5.89 14.61
CA ARG A 328 -23.14 -6.94 15.24
C ARG A 328 -22.83 -6.68 16.70
N GLY A 329 -22.81 -5.41 17.12
CA GLY A 329 -22.52 -5.09 18.50
C GLY A 329 -23.05 -3.73 18.88
N VAL A 330 -23.36 -3.57 20.16
CA VAL A 330 -23.84 -2.32 20.72
C VAL A 330 -22.99 -1.99 21.94
N ASN A 331 -22.42 -0.80 21.96
CA ASN A 331 -21.78 -0.25 23.15
C ASN A 331 -22.77 0.72 23.78
N VAL A 332 -23.16 0.44 25.03
CA VAL A 332 -24.14 1.25 25.74
C VAL A 332 -23.44 1.96 26.92
N GLY A 333 -23.54 3.27 26.94
CA GLY A 333 -22.97 4.05 28.02
C GLY A 333 -23.90 4.16 29.22
N SER A 334 -24.14 3.03 29.86
CA SER A 334 -24.98 3.04 31.07
C SER A 334 -24.34 3.87 32.17
N ASP A 335 -23.01 3.77 32.28
CA ASP A 335 -22.18 4.67 33.10
C ASP A 335 -22.34 4.45 34.61
N HIS A 336 -23.57 4.21 35.09
CA HIS A 336 -23.78 3.93 36.51
C HIS A 336 -25.20 3.40 36.71
N ILE A 337 -25.48 2.98 37.96
CA ILE A 337 -26.80 2.49 38.34
C ILE A 337 -27.45 3.38 39.42
N ARG A 338 -26.64 3.95 40.30
CA ARG A 338 -27.16 4.71 41.43
C ARG A 338 -27.82 6.01 40.98
N PRO A 339 -29.12 6.21 41.24
CA PRO A 339 -29.75 7.49 40.86
C PRO A 339 -29.12 8.70 41.54
N GLU A 340 -28.60 8.53 42.77
CA GLU A 340 -27.90 9.63 43.43
C GLU A 340 -26.72 10.11 42.59
N LEU A 341 -26.01 9.19 41.94
CA LEU A 341 -24.88 9.60 41.11
C LEU A 341 -25.33 10.07 39.74
N LEU A 342 -26.30 9.37 39.13
CA LEU A 342 -26.75 9.73 37.79
C LEU A 342 -27.48 11.06 37.76
N SER A 343 -28.12 11.43 38.87
CA SER A 343 -28.81 12.71 38.92
C SER A 343 -27.83 13.85 38.74
N GLY A 344 -28.21 14.83 37.92
CA GLY A 344 -27.31 15.93 37.59
C GLY A 344 -26.15 15.54 36.70
N TRP A 345 -26.03 14.26 36.33
CA TRP A 345 -24.91 13.80 35.51
C TRP A 345 -25.40 13.34 34.14
N LYS A 346 -26.04 12.17 34.04
CA LYS A 346 -26.56 11.71 32.76
C LYS A 346 -27.95 12.31 32.58
N VAL A 347 -27.98 13.54 32.04
CA VAL A 347 -29.19 14.35 32.02
C VAL A 347 -29.40 14.99 30.65
N THR A 348 -30.66 15.30 30.36
CA THR A 348 -31.00 16.10 29.19
C THR A 348 -30.67 17.57 29.43
N GLU A 349 -31.00 18.41 28.45
CA GLU A 349 -30.79 19.84 28.61
C GLU A 349 -31.65 20.44 29.71
N LYS A 350 -32.83 19.85 29.95
CA LYS A 350 -33.70 20.32 31.03
C LYS A 350 -33.24 19.87 32.41
N GLY A 351 -32.24 18.98 32.49
CA GLY A 351 -31.70 18.57 33.77
C GLY A 351 -32.24 17.26 34.29
N GLY A 352 -33.17 16.62 33.58
CA GLY A 352 -33.74 15.37 34.02
C GLY A 352 -33.01 14.16 33.46
N THR A 353 -32.99 13.09 34.24
CA THR A 353 -32.50 11.81 33.75
C THR A 353 -33.42 11.28 32.66
N TYR A 354 -32.90 10.32 31.88
CA TYR A 354 -33.66 9.81 30.75
C TYR A 354 -33.62 8.29 30.64
N TYR A 355 -33.03 7.59 31.61
CA TYR A 355 -33.14 6.14 31.64
C TYR A 355 -33.07 5.65 33.09
N THR A 356 -33.39 4.37 33.26
CA THR A 356 -33.22 3.64 34.50
C THR A 356 -32.40 2.40 34.20
N PHE A 357 -32.14 1.59 35.23
CA PHE A 357 -31.37 0.38 35.00
C PHE A 357 -32.17 -0.67 34.22
N GLU A 358 -33.51 -0.58 34.22
CA GLU A 358 -34.30 -1.46 33.37
C GLU A 358 -33.93 -1.29 31.90
N ASP A 359 -33.63 -0.06 31.49
CA ASP A 359 -33.33 0.19 30.09
C ASP A 359 -32.06 -0.54 29.65
N THR A 360 -31.02 -0.50 30.49
CA THR A 360 -29.82 -1.27 30.19
C THR A 360 -30.09 -2.77 30.24
N GLU A 361 -30.87 -3.22 31.22
CA GLU A 361 -31.23 -4.63 31.28
CA GLU A 361 -31.25 -4.63 31.28
C GLU A 361 -31.97 -5.06 30.01
N ARG A 362 -32.91 -4.24 29.56
CA ARG A 362 -33.65 -4.59 28.34
C ARG A 362 -32.76 -4.56 27.12
N LEU A 363 -31.87 -3.56 27.03
CA LEU A 363 -30.97 -3.47 25.89
C LEU A 363 -30.10 -4.71 25.80
N VAL A 364 -29.49 -5.11 26.92
CA VAL A 364 -28.64 -6.29 26.92
C VAL A 364 -29.44 -7.55 26.57
N ARG A 365 -30.67 -7.65 27.09
CA ARG A 365 -31.47 -8.83 26.80
C ARG A 365 -31.86 -8.90 25.33
N LEU A 366 -32.34 -7.80 24.76
CA LEU A 366 -32.75 -7.80 23.36
C LEU A 366 -31.59 -8.16 22.45
N CYS A 367 -30.41 -7.60 22.71
CA CYS A 367 -29.23 -7.94 21.90
C CYS A 367 -28.83 -9.40 22.07
N ARG A 368 -28.93 -9.93 23.29
CA ARG A 368 -28.65 -11.34 23.50
C ARG A 368 -29.60 -12.22 22.69
N GLU A 369 -30.90 -11.93 22.76
CA GLU A 369 -31.91 -12.70 22.03
C GLU A 369 -31.66 -12.71 20.53
N ARG A 370 -30.89 -11.76 20.02
CA ARG A 370 -30.66 -11.64 18.58
C ARG A 370 -29.19 -11.82 18.21
N GLY A 371 -28.38 -12.37 19.10
CA GLY A 371 -26.98 -12.61 18.77
C GLY A 371 -26.19 -11.37 18.52
N ILE A 372 -26.53 -10.26 19.17
CA ILE A 372 -25.84 -8.99 19.05
C ILE A 372 -24.99 -8.80 20.30
N LEU A 373 -23.68 -8.64 20.12
CA LEU A 373 -22.80 -8.50 21.27
C LEU A 373 -23.03 -7.17 21.96
N THR A 374 -22.59 -7.09 23.22
CA THR A 374 -22.83 -5.90 24.02
C THR A 374 -21.59 -5.54 24.82
N MET A 375 -21.31 -4.24 24.90
CA MET A 375 -20.37 -3.70 25.86
C MET A 375 -21.08 -2.65 26.69
N VAL A 376 -20.97 -2.79 28.01
CA VAL A 376 -21.61 -1.89 28.96
C VAL A 376 -20.51 -1.05 29.60
N GLU A 377 -20.65 0.28 29.50
CA GLU A 377 -19.68 1.22 30.05
C GLU A 377 -20.04 1.60 31.48
N ALA A 378 -19.03 1.70 32.34
CA ALA A 378 -19.18 2.23 33.69
C ALA A 378 -18.08 3.25 33.93
N LEU A 379 -18.45 4.44 34.42
CA LEU A 379 -17.51 5.51 34.70
C LEU A 379 -17.56 5.83 36.19
N PHE A 380 -16.46 5.55 36.89
CA PHE A 380 -16.40 5.68 38.34
C PHE A 380 -15.65 6.94 38.72
N GLY A 381 -16.09 7.55 39.83
CA GLY A 381 -15.43 8.73 40.37
C GLY A 381 -16.16 10.05 40.20
N MET A 382 -17.39 10.04 39.68
CA MET A 382 -18.19 11.24 39.59
C MET A 382 -18.60 11.69 41.00
N PRO A 383 -19.08 12.92 41.16
CA PRO A 383 -19.48 13.39 42.48
C PRO A 383 -20.49 12.44 43.13
N GLY A 384 -20.22 12.09 44.39
CA GLY A 384 -21.01 11.15 45.15
C GLY A 384 -20.42 9.77 45.27
N GLU A 385 -19.41 9.44 44.45
CA GLU A 385 -18.88 8.08 44.41
C GLU A 385 -18.16 7.72 45.69
N THR A 386 -18.45 6.54 46.22
CA THR A 386 -17.78 5.94 47.35
C THR A 386 -17.47 4.49 47.02
N PRO A 387 -16.69 3.80 47.86
CA PRO A 387 -16.47 2.36 47.63
C PRO A 387 -17.77 1.56 47.54
N GLU A 388 -18.79 1.91 48.34
CA GLU A 388 -20.02 1.14 48.30
C GLU A 388 -20.83 1.45 47.04
N THR A 389 -20.74 2.67 46.52
CA THR A 389 -21.36 2.95 45.24
C THR A 389 -20.66 2.21 44.10
N VAL A 390 -19.34 2.03 44.21
CA VAL A 390 -18.61 1.27 43.19
C VAL A 390 -19.03 -0.19 43.22
N ARG A 391 -19.06 -0.78 44.43
CA ARG A 391 -19.41 -2.19 44.55
C ARG A 391 -20.82 -2.47 44.05
N ALA A 392 -21.76 -1.56 44.32
CA ALA A 392 -23.13 -1.75 43.88
C ALA A 392 -23.23 -1.77 42.36
N CYS A 393 -22.49 -0.87 41.69
CA CYS A 393 -22.51 -0.84 40.23
C CYS A 393 -21.86 -2.09 39.66
N VAL A 394 -20.74 -2.52 40.25
CA VAL A 394 -20.03 -3.69 39.74
C VAL A 394 -20.92 -4.92 39.84
N ASP A 395 -21.51 -5.16 41.01
CA ASP A 395 -22.35 -6.35 41.20
C ASP A 395 -23.50 -6.36 40.20
N ALA A 396 -24.18 -5.23 40.04
CA ALA A 396 -25.34 -5.19 39.15
C ALA A 396 -24.92 -5.28 37.68
N PHE A 397 -23.86 -4.55 37.29
CA PHE A 397 -23.42 -4.61 35.90
C PHE A 397 -22.92 -5.99 35.52
N MET A 398 -22.12 -6.62 36.39
CA MET A 398 -21.57 -7.93 36.05
C MET A 398 -22.67 -8.97 35.88
N ALA A 399 -23.81 -8.80 36.55
CA ALA A 399 -24.92 -9.73 36.42
C ALA A 399 -25.66 -9.58 35.11
N LEU A 400 -25.38 -8.52 34.33
CA LEU A 400 -25.99 -8.37 33.01
C LEU A 400 -25.49 -9.42 32.02
N ASP A 401 -24.34 -10.04 32.29
CA ASP A 401 -23.71 -11.00 31.38
C ASP A 401 -23.43 -10.37 30.00
N ALA A 402 -23.08 -9.09 30.00
CA ALA A 402 -22.68 -8.43 28.75
C ALA A 402 -21.40 -9.03 28.20
N THR A 403 -21.23 -8.93 26.87
CA THR A 403 -20.03 -9.47 26.25
C THR A 403 -18.78 -8.88 26.87
N VAL A 404 -18.73 -7.56 27.01
CA VAL A 404 -17.62 -6.87 27.67
C VAL A 404 -18.21 -5.84 28.63
N THR A 405 -17.62 -5.73 29.80
CA THR A 405 -17.99 -4.71 30.78
C THR A 405 -16.76 -3.86 31.06
N GLY A 406 -16.80 -2.59 30.66
CA GLY A 406 -15.67 -1.70 30.77
C GLY A 406 -15.78 -0.76 31.95
N PHE A 407 -14.85 -0.90 32.90
CA PHE A 407 -14.84 -0.09 34.11
C PHE A 407 -13.74 0.96 34.01
N SER A 408 -14.13 2.23 33.93
CA SER A 408 -13.18 3.34 33.95
C SER A 408 -13.33 4.11 35.26
N LEU A 409 -12.25 4.77 35.67
CA LEU A 409 -12.17 5.39 36.99
C LEU A 409 -11.51 6.76 36.86
N GLY A 410 -12.27 7.81 37.13
CA GLY A 410 -11.74 9.15 37.05
C GLY A 410 -12.25 9.89 35.83
N LEU A 411 -12.41 11.21 35.98
CA LEU A 411 -13.02 12.05 34.96
C LEU A 411 -12.03 13.10 34.50
N ARG A 412 -11.84 13.21 33.19
CA ARG A 412 -11.06 14.30 32.62
C ARG A 412 -11.94 15.53 32.45
N LEU A 413 -11.47 16.68 32.94
CA LEU A 413 -12.24 17.91 32.90
C LEU A 413 -11.94 18.70 31.63
N PHE A 414 -12.98 19.33 31.08
CA PHE A 414 -12.89 20.13 29.86
C PHE A 414 -13.72 21.39 30.04
N PRO A 415 -13.34 22.49 29.37
CA PRO A 415 -13.97 23.78 29.66
C PRO A 415 -15.47 23.82 29.40
N TYR A 416 -15.97 23.08 28.43
CA TYR A 416 -17.39 23.14 28.09
C TYR A 416 -18.12 21.84 28.38
N THR A 417 -17.72 21.14 29.44
CA THR A 417 -18.59 20.14 30.03
C THR A 417 -19.19 20.67 31.32
N PRO A 418 -20.42 20.31 31.66
CA PRO A 418 -21.03 20.82 32.90
C PRO A 418 -20.18 20.55 34.14
N MET A 419 -19.43 19.43 34.17
CA MET A 419 -18.52 19.21 35.28
C MET A 419 -17.35 20.18 35.25
N GLY A 420 -16.79 20.44 34.06
CA GLY A 420 -15.73 21.43 33.96
C GLY A 420 -16.19 22.80 34.46
N ILE A 421 -17.39 23.22 34.06
CA ILE A 421 -17.92 24.52 34.47
C ILE A 421 -18.21 24.53 35.96
N GLU A 422 -18.88 23.49 36.47
CA GLU A 422 -19.23 23.45 37.88
C GLU A 422 -17.99 23.46 38.77
N ILE A 423 -16.96 22.70 38.40
CA ILE A 423 -15.77 22.67 39.24
C ILE A 423 -15.01 23.99 39.14
N ALA A 424 -15.06 24.64 37.97
CA ALA A 424 -14.50 25.99 37.89
C ALA A 424 -15.30 26.97 38.74
N GLU A 425 -16.61 26.76 38.85
CA GLU A 425 -17.42 27.59 39.73
C GLU A 425 -16.98 27.43 41.18
N GLN A 426 -16.73 26.20 41.61
CA GLN A 426 -16.33 25.94 43.00
C GLN A 426 -14.99 26.59 43.32
N CYS A 427 -14.08 26.63 42.34
CA CYS A 427 -12.81 27.29 42.57
C CYS A 427 -12.97 28.81 42.65
N ALA A 428 -13.84 29.37 41.81
CA ALA A 428 -14.12 30.80 41.77
C ALA A 428 -12.86 31.64 41.58
N GLY A 429 -11.77 31.04 41.11
CA GLY A 429 -10.53 31.75 40.91
C GLY A 429 -9.74 32.07 42.16
N VAL A 430 -10.17 31.60 43.33
CA VAL A 430 -9.54 31.96 44.60
C VAL A 430 -9.21 30.76 45.47
N ARG A 431 -9.56 29.55 45.06
CA ARG A 431 -9.31 28.37 45.88
C ARG A 431 -9.37 27.13 45.00
N THR A 432 -8.83 26.05 45.51
CA THR A 432 -8.95 24.77 44.82
C THR A 432 -10.24 24.07 45.24
N ALA A 433 -10.66 23.11 44.41
CA ALA A 433 -11.90 22.39 44.68
C ALA A 433 -11.59 20.95 45.06
N PRO A 434 -12.36 20.36 45.98
CA PRO A 434 -12.13 18.96 46.34
C PRO A 434 -12.29 18.04 45.13
N GLY A 435 -11.36 17.10 45.00
CA GLY A 435 -11.38 16.15 43.91
C GLY A 435 -10.53 16.53 42.71
N LEU A 436 -10.06 17.77 42.64
CA LEU A 436 -9.20 18.18 41.54
C LEU A 436 -7.89 17.42 41.56
N GLN A 437 -7.46 16.94 40.41
CA GLN A 437 -6.23 16.16 40.35
C GLN A 437 -5.52 16.41 39.02
N SER A 438 -4.19 16.29 39.07
CA SER A 438 -3.38 16.23 37.86
C SER A 438 -2.05 15.59 38.22
N ASN A 439 -1.58 14.69 37.36
CA ASN A 439 -0.33 13.99 37.64
C ASN A 439 0.89 14.90 37.56
N THR A 440 0.76 16.08 36.94
CA THR A 440 1.87 17.01 36.79
C THR A 440 1.64 18.33 37.52
N ALA A 441 0.77 18.35 38.52
CA ALA A 441 0.46 19.59 39.23
C ALA A 441 1.55 19.94 40.23
N ASP A 442 1.92 21.22 40.25
CA ASP A 442 2.76 21.78 41.31
C ASP A 442 1.85 22.62 42.22
N GLY A 443 1.28 21.97 43.22
CA GLY A 443 0.47 22.65 44.20
C GLY A 443 -0.98 22.78 43.81
N PRO A 444 -1.70 23.68 44.47
CA PRO A 444 -3.15 23.79 44.25
C PRO A 444 -3.49 24.12 42.81
N ILE A 445 -4.50 23.42 42.30
CA ILE A 445 -5.08 23.71 40.99
C ILE A 445 -6.26 24.64 41.22
N VAL A 446 -6.10 25.91 40.91
CA VAL A 446 -7.16 26.90 41.07
C VAL A 446 -7.70 27.22 39.68
N LEU A 447 -8.93 26.83 39.42
CA LEU A 447 -9.55 27.09 38.13
C LEU A 447 -10.37 28.39 38.18
N LYS A 448 -10.60 28.95 37.01
CA LYS A 448 -11.35 30.19 36.89
C LYS A 448 -12.56 29.99 35.99
N PRO A 449 -13.76 30.41 36.41
CA PRO A 449 -14.90 30.34 35.51
C PRO A 449 -14.70 31.23 34.30
N LEU A 450 -15.48 30.95 33.25
CA LEU A 450 -15.35 31.68 32.00
C LEU A 450 -15.52 33.19 32.21
N ARG A 451 -16.49 33.60 33.04
CA ARG A 451 -16.76 35.01 33.21
C ARG A 451 -15.65 35.75 33.93
N MET A 452 -14.71 35.05 34.57
CA MET A 452 -13.55 35.68 35.19
C MET A 452 -12.32 35.70 34.29
N CYS A 453 -12.44 35.25 33.04
CA CYS A 453 -11.32 35.12 32.13
C CYS A 453 -11.38 36.22 31.07
N ALA A 454 -10.21 36.70 30.68
CA ALA A 454 -10.14 37.81 29.72
C ALA A 454 -10.46 37.37 28.31
N SER A 455 -10.42 36.07 28.02
CA SER A 455 -10.63 35.59 26.66
C SER A 455 -11.04 34.12 26.72
N PRO A 456 -11.68 33.60 25.67
CA PRO A 456 -11.91 32.15 25.60
C PRO A 456 -10.63 31.36 25.76
N ALA A 457 -9.54 31.81 25.12
CA ALA A 457 -8.29 31.07 25.16
C ALA A 457 -7.82 30.85 26.59
N GLU A 458 -7.92 31.87 27.44
CA GLU A 458 -7.52 31.73 28.83
C GLU A 458 -8.40 30.72 29.56
N TYR A 459 -9.71 30.82 29.38
CA TYR A 459 -10.62 29.90 30.05
C TYR A 459 -10.40 28.46 29.58
N GLU A 460 -10.09 28.28 28.29
CA GLU A 460 -9.96 26.93 27.77
C GLU A 460 -8.61 26.31 28.11
N ARG A 461 -7.55 27.11 28.13
CA ARG A 461 -6.20 26.57 28.24
C ARG A 461 -5.93 26.00 29.63
N GLN A 462 -6.55 26.57 30.67
CA GLN A 462 -6.27 26.11 32.03
C GLN A 462 -6.56 24.63 32.22
N PHE A 463 -7.52 24.08 31.47
CA PHE A 463 -7.85 22.68 31.63
C PHE A 463 -6.79 21.74 31.06
N MET A 464 -5.81 22.28 30.34
CA MET A 464 -4.74 21.47 29.75
C MET A 464 -3.34 21.90 30.18
N PHE A 465 -3.14 23.19 30.51
CA PHE A 465 -1.84 23.73 30.83
C PHE A 465 -1.86 24.43 32.18
N ASP A 466 -0.70 24.47 32.84
CA ASP A 466 -0.55 25.28 34.05
C ASP A 466 -0.08 26.68 33.66
N GLU A 467 0.11 27.53 34.67
CA GLU A 467 0.46 28.93 34.42
C GLU A 467 1.77 29.06 33.66
N HIS A 468 2.68 28.11 33.81
CA HIS A 468 3.98 28.16 33.16
C HIS A 468 4.00 27.44 31.82
N GLY A 469 2.84 27.12 31.25
CA GLY A 469 2.78 26.49 29.95
C GLY A 469 3.01 24.99 29.93
N ASN A 470 3.25 24.36 31.07
CA ASN A 470 3.47 22.92 31.09
C ASN A 470 2.14 22.18 31.04
N PHE A 471 2.19 20.96 30.50
CA PHE A 471 1.01 20.10 30.47
C PHE A 471 0.53 19.78 31.88
N ARG A 472 -0.76 19.98 32.12
CA ARG A 472 -1.37 19.76 33.42
C ARG A 472 -2.84 19.44 33.15
N LEU A 473 -3.08 18.19 32.75
CA LEU A 473 -4.40 17.76 32.33
C LEU A 473 -5.25 17.52 33.57
N VAL A 474 -6.27 18.36 33.76
CA VAL A 474 -7.01 18.42 35.02
C VAL A 474 -8.04 17.29 35.04
N CYS A 475 -8.07 16.54 36.15
CA CYS A 475 -9.04 15.48 36.36
C CYS A 475 -9.83 15.71 37.64
N TYR A 476 -10.96 15.01 37.74
CA TYR A 476 -11.73 14.94 38.97
C TYR A 476 -11.82 13.49 39.41
N PHE A 477 -11.52 13.26 40.69
CA PHE A 477 -11.73 11.98 41.36
C PHE A 477 -12.52 12.24 42.64
N SER A 478 -13.61 11.51 42.82
CA SER A 478 -14.42 11.70 44.01
C SER A 478 -13.59 11.53 45.28
N PRO A 479 -13.54 12.53 46.16
CA PRO A 479 -12.83 12.33 47.44
C PRO A 479 -13.38 11.16 48.26
N GLY A 480 -14.62 10.74 48.02
CA GLY A 480 -15.14 9.55 48.68
C GLY A 480 -14.39 8.28 48.35
N LEU A 481 -13.56 8.30 47.31
CA LEU A 481 -12.70 7.17 46.95
C LEU A 481 -11.31 7.25 47.55
N LEU A 482 -11.03 8.27 48.39
CA LEU A 482 -9.76 8.36 49.09
C LEU A 482 -9.72 7.34 50.24
N PRO A 483 -8.52 6.83 50.58
CA PRO A 483 -8.23 5.80 51.59
C PRO A 483 -9.30 5.59 52.66
N TRP A 495 -5.17 8.27 43.54
CA TRP A 495 -6.39 7.48 43.73
C TRP A 495 -6.19 6.04 43.28
N HIS A 496 -4.99 5.51 43.47
CA HIS A 496 -4.66 4.16 43.01
C HIS A 496 -5.22 3.08 43.93
N GLY A 497 -5.38 3.36 45.22
CA GLY A 497 -5.93 2.36 46.12
C GLY A 497 -7.31 1.86 45.70
N ALA A 498 -8.10 2.74 45.08
CA ALA A 498 -9.40 2.32 44.57
C ALA A 498 -9.25 1.29 43.46
N VAL A 499 -8.16 1.36 42.69
CA VAL A 499 -7.95 0.40 41.60
C VAL A 499 -7.80 -1.01 42.16
N ALA A 500 -7.00 -1.17 43.20
CA ALA A 500 -6.82 -2.49 43.80
C ALA A 500 -8.14 -3.02 44.37
N ASP A 501 -8.92 -2.14 45.00
CA ASP A 501 -10.22 -2.56 45.53
C ASP A 501 -11.19 -2.90 44.40
N LEU A 502 -11.10 -2.19 43.28
CA LEU A 502 -11.97 -2.49 42.15
C LEU A 502 -11.64 -3.85 41.56
N TRP A 503 -10.34 -4.16 41.43
CA TRP A 503 -9.94 -5.47 40.90
C TRP A 503 -10.45 -6.59 41.79
N ALA A 504 -10.42 -6.40 43.11
CA ALA A 504 -10.86 -7.43 44.03
C ALA A 504 -12.34 -7.76 43.86
N LEU A 505 -13.13 -6.83 43.31
CA LEU A 505 -14.55 -7.08 43.12
C LEU A 505 -14.81 -8.07 42.00
N ILE A 506 -13.91 -8.19 41.03
CA ILE A 506 -14.11 -9.04 39.87
C ILE A 506 -13.67 -10.45 40.20
N ASP A 507 -14.57 -11.41 40.00
CA ASP A 507 -14.24 -12.81 40.19
C ASP A 507 -13.21 -13.24 39.16
N PRO A 508 -12.19 -14.02 39.55
CA PRO A 508 -11.20 -14.48 38.56
C PRO A 508 -11.84 -15.21 37.38
N ALA A 509 -12.97 -15.87 37.59
CA ALA A 509 -13.68 -16.51 36.48
C ALA A 509 -14.22 -15.49 35.48
N ASP A 510 -14.40 -14.24 35.90
CA ASP A 510 -14.94 -13.19 35.05
C ASP A 510 -13.88 -12.22 34.56
N HIS A 511 -12.60 -12.47 34.87
CA HIS A 511 -11.53 -11.56 34.46
C HIS A 511 -11.51 -11.36 32.95
N HIS A 512 -11.74 -12.43 32.19
CA HIS A 512 -11.65 -12.38 30.73
C HIS A 512 -12.65 -11.43 30.09
N ARG A 513 -13.79 -11.12 30.76
CA ARG A 513 -14.86 -10.35 30.13
C ARG A 513 -14.97 -8.91 30.65
N VAL A 514 -13.92 -8.39 31.29
CA VAL A 514 -13.98 -7.02 31.77
C VAL A 514 -12.76 -6.25 31.30
N MET A 515 -12.94 -4.94 31.17
CA MET A 515 -11.86 -3.97 31.06
C MET A 515 -11.82 -3.16 32.35
N LEU A 516 -10.61 -2.98 32.88
CA LEU A 516 -10.40 -2.44 34.22
C LEU A 516 -9.15 -1.59 34.23
N PRO A 517 -9.08 -0.59 35.10
CA PRO A 517 -7.80 0.11 35.29
C PRO A 517 -6.78 -0.88 35.83
N THR A 518 -5.61 -0.93 35.20
CA THR A 518 -4.69 -2.04 35.39
C THR A 518 -3.80 -1.80 36.61
N VAL A 519 -3.65 -2.83 37.43
CA VAL A 519 -2.78 -2.78 38.61
C VAL A 519 -1.33 -2.67 38.17
N GLU A 520 -0.42 -2.66 39.14
CA GLU A 520 0.97 -2.31 38.87
C GLU A 520 1.66 -3.42 38.10
N GLY A 521 2.13 -3.11 36.89
CA GLY A 521 2.96 -4.03 36.16
C GLY A 521 2.23 -5.02 35.27
N MET A 522 0.91 -5.16 35.43
CA MET A 522 0.17 -6.12 34.62
C MET A 522 0.03 -5.63 33.18
N SER A 523 -0.30 -6.55 32.28
CA SER A 523 -0.63 -6.23 30.90
C SER A 523 -1.83 -5.29 30.85
N GLU A 524 -1.97 -4.58 29.73
CA GLU A 524 -3.01 -3.56 29.63
C GLU A 524 -4.38 -4.21 29.60
N HIS A 525 -5.16 -3.95 30.65
CA HIS A 525 -6.56 -4.33 30.73
C HIS A 525 -7.48 -3.12 30.64
N ASP A 526 -6.91 -1.92 30.47
CA ASP A 526 -7.67 -0.69 30.56
C ASP A 526 -8.66 -0.55 29.40
N ASN A 527 -9.77 0.12 29.70
CA ASN A 527 -10.70 0.55 28.67
C ASN A 527 -10.07 1.72 27.92
N ASN A 528 -9.08 1.44 27.08
CA ASN A 528 -8.27 2.47 26.42
C ASN A 528 -7.74 1.87 25.12
N TYR A 529 -8.21 2.38 24.00
CA TYR A 529 -7.83 1.85 22.69
C TYR A 529 -6.64 2.59 22.08
N ALA A 530 -6.12 3.62 22.74
CA ALA A 530 -5.06 4.43 22.18
C ALA A 530 -3.72 3.75 22.43
N ASP A 531 -3.12 3.22 21.36
CA ASP A 531 -1.84 2.48 21.43
C ASP A 531 -1.91 1.33 22.42
N ASN A 532 -3.03 0.60 22.39
CA ASN A 532 -3.16 -0.64 23.13
C ASN A 532 -2.45 -1.75 22.37
N PRO A 533 -1.40 -2.36 22.94
CA PRO A 533 -0.61 -3.33 22.15
C PRO A 533 -1.39 -4.54 21.68
N PHE A 534 -2.24 -5.13 22.52
CA PHE A 534 -3.03 -6.26 22.04
C PHE A 534 -3.92 -5.85 20.88
N LEU A 535 -4.57 -4.69 20.98
CA LEU A 535 -5.46 -4.27 19.91
C LEU A 535 -4.69 -3.88 18.66
N THR A 536 -3.47 -3.38 18.80
CA THR A 536 -2.65 -3.08 17.64
C THR A 536 -2.35 -4.35 16.83
N SER A 537 -2.24 -5.50 17.50
CA SER A 537 -1.87 -6.74 16.81
C SER A 537 -3.01 -7.29 15.97
N LEU A 538 -4.26 -7.01 16.34
CA LEU A 538 -5.39 -7.72 15.75
C LEU A 538 -5.46 -7.54 14.23
N GLY A 539 -5.13 -6.36 13.73
CA GLY A 539 -5.20 -6.13 12.30
C GLY A 539 -4.31 -7.07 11.51
N GLY A 540 -3.03 -7.16 11.91
CA GLY A 540 -2.10 -8.06 11.26
C GLY A 540 -2.51 -9.51 11.33
N LEU A 541 -3.31 -9.87 12.34
CA LEU A 541 -3.84 -11.21 12.52
C LEU A 541 -5.17 -11.42 11.81
N GLY A 542 -5.67 -10.41 11.09
CA GLY A 542 -6.87 -10.54 10.31
C GLY A 542 -8.17 -10.36 11.06
N TYR A 543 -8.15 -9.82 12.27
CA TYR A 543 -9.37 -9.61 13.03
C TYR A 543 -9.96 -8.24 12.73
N THR A 544 -11.30 -8.16 12.79
CA THR A 544 -12.02 -6.94 12.43
C THR A 544 -13.11 -6.68 13.47
N GLY A 545 -13.85 -5.60 13.28
CA GLY A 545 -14.94 -5.25 14.17
C GLY A 545 -14.51 -4.27 15.25
N ALA A 546 -15.44 -4.01 16.16
CA ALA A 546 -15.15 -3.12 17.27
C ALA A 546 -13.99 -3.67 18.09
N PHE A 547 -13.14 -2.77 18.60
CA PHE A 547 -11.96 -3.19 19.33
C PHE A 547 -12.30 -4.01 20.58
N TRP A 548 -13.55 -3.95 21.06
CA TRP A 548 -13.96 -4.77 22.19
C TRP A 548 -14.58 -6.10 21.80
N SER A 549 -14.84 -6.33 20.50
CA SER A 549 -15.55 -7.54 20.09
C SER A 549 -14.70 -8.80 20.20
N HIS A 550 -13.38 -8.67 20.27
CA HIS A 550 -12.50 -9.83 20.42
C HIS A 550 -11.76 -9.83 21.74
N TRP A 551 -12.15 -8.96 22.68
CA TRP A 551 -11.48 -8.89 23.98
C TRP A 551 -11.60 -10.20 24.75
N ARG A 552 -12.75 -10.88 24.64
CA ARG A 552 -12.98 -12.08 25.45
C ARG A 552 -11.98 -13.19 25.11
N GLY A 553 -11.69 -13.39 23.83
CA GLY A 553 -10.80 -14.46 23.44
C GLY A 553 -9.36 -14.03 23.21
N ARG A 554 -8.90 -12.98 23.90
CA ARG A 554 -7.54 -12.50 23.62
C ARG A 554 -6.50 -13.55 23.98
N GLU A 555 -6.76 -14.36 25.01
CA GLU A 555 -5.82 -15.41 25.38
C GLU A 555 -5.62 -16.36 24.21
N GLU A 556 -6.73 -16.80 23.60
CA GLU A 556 -6.65 -17.74 22.49
C GLU A 556 -6.03 -17.10 21.26
N ILE A 557 -6.31 -15.81 21.03
CA ILE A 557 -5.73 -15.12 19.87
C ILE A 557 -4.22 -14.98 20.03
N MET A 558 -3.76 -14.75 21.26
CA MET A 558 -2.33 -14.68 21.52
C MET A 558 -1.67 -16.06 21.40
N ARG A 559 -2.34 -17.11 21.90
CA ARG A 559 -1.84 -18.46 21.73
C ARG A 559 -1.75 -18.81 20.24
N LYS A 560 -2.79 -18.46 19.47
CA LYS A 560 -2.80 -18.73 18.05
C LYS A 560 -1.74 -17.94 17.31
N ALA A 561 -1.45 -16.72 17.76
CA ALA A 561 -0.45 -15.89 17.10
C ALA A 561 0.95 -16.48 17.25
N ARG A 562 1.30 -16.98 18.43
CA ARG A 562 2.61 -17.60 18.58
C ARG A 562 2.68 -18.99 17.99
N GLU A 563 1.53 -19.58 17.63
CA GLU A 563 1.55 -20.86 16.94
C GLU A 563 2.03 -20.69 15.51
N ALA A 564 1.61 -19.61 14.84
CA ALA A 564 2.06 -19.29 13.50
C ALA A 564 3.37 -18.51 13.48
N ALA A 565 3.83 -18.02 14.63
CA ALA A 565 5.13 -17.37 14.70
C ALA A 565 6.28 -18.37 14.77
N ALA A 566 6.04 -19.52 15.40
CA ALA A 566 7.06 -20.56 15.51
C ALA A 566 7.31 -21.22 14.16
N SER B 2 20.27 -44.67 -25.06
CA SER B 2 20.30 -43.38 -25.76
C SER B 2 20.85 -42.26 -24.88
N ARG B 3 21.60 -41.35 -25.51
CA ARG B 3 22.14 -40.20 -24.81
C ARG B 3 21.82 -38.91 -25.56
N LEU B 4 20.75 -38.92 -26.36
CA LEU B 4 20.38 -37.78 -27.19
C LEU B 4 19.35 -36.92 -26.48
N VAL B 5 19.67 -35.64 -26.32
CA VAL B 5 18.79 -34.64 -25.72
C VAL B 5 18.40 -33.65 -26.80
N LEU B 6 17.10 -33.38 -26.92
CA LEU B 6 16.61 -32.36 -27.84
C LEU B 6 16.27 -31.10 -27.07
N LEU B 7 16.68 -29.95 -27.61
CA LEU B 7 16.34 -28.64 -27.08
C LEU B 7 15.58 -27.84 -28.12
N VAL B 8 14.40 -27.34 -27.75
CA VAL B 8 13.54 -26.61 -28.66
C VAL B 8 13.48 -25.15 -28.24
N ASN B 9 13.58 -24.24 -29.22
CA ASN B 9 13.35 -22.82 -29.00
C ASN B 9 12.02 -22.43 -29.63
N PRO B 10 10.97 -22.16 -28.83
CA PRO B 10 9.68 -21.76 -29.37
C PRO B 10 9.50 -20.25 -29.54
N ASN B 11 10.51 -19.46 -29.19
CA ASN B 11 10.41 -18.01 -29.29
C ASN B 11 10.24 -17.59 -30.75
N LYS B 12 9.13 -16.91 -31.03
CA LYS B 12 8.85 -16.45 -32.39
C LYS B 12 9.05 -14.95 -32.57
N VAL B 13 9.47 -14.25 -31.53
CA VAL B 13 9.54 -12.79 -31.57
C VAL B 13 10.65 -12.35 -32.52
N HIS B 14 10.33 -11.40 -33.40
CA HIS B 14 11.31 -10.67 -34.18
C HIS B 14 11.30 -9.19 -33.79
N PRO B 15 12.45 -8.49 -33.83
CA PRO B 15 13.78 -8.90 -34.26
C PRO B 15 14.32 -10.04 -33.40
N PRO B 16 14.93 -11.04 -34.04
CA PRO B 16 15.25 -12.27 -33.33
C PRO B 16 16.40 -12.07 -32.34
N ILE B 17 16.28 -12.73 -31.20
CA ILE B 17 17.31 -12.77 -30.18
C ILE B 17 17.69 -14.24 -29.97
N ALA B 18 18.97 -14.53 -30.11
CA ALA B 18 19.44 -15.90 -29.98
C ALA B 18 19.08 -16.45 -28.60
N PRO B 19 18.58 -17.70 -28.53
CA PRO B 19 18.26 -18.31 -27.22
C PRO B 19 19.54 -18.75 -26.51
N TYR B 20 20.18 -17.76 -25.88
CA TYR B 20 21.44 -17.96 -25.18
C TYR B 20 21.36 -19.16 -24.23
N ALA B 21 20.20 -19.34 -23.58
CA ALA B 21 20.02 -20.46 -22.66
C ALA B 21 20.41 -21.79 -23.29
N LEU B 22 20.01 -22.02 -24.55
CA LEU B 22 20.30 -23.30 -25.18
C LEU B 22 21.79 -23.51 -25.39
N ASP B 23 22.56 -22.44 -25.61
CA ASP B 23 24.01 -22.56 -25.71
C ASP B 23 24.63 -22.93 -24.36
N VAL B 24 24.12 -22.34 -23.27
CA VAL B 24 24.61 -22.71 -21.94
C VAL B 24 24.32 -24.18 -21.66
N LEU B 25 23.08 -24.60 -21.91
CA LEU B 25 22.68 -25.99 -21.63
C LEU B 25 23.42 -26.98 -22.53
N THR B 26 23.65 -26.58 -23.79
CA THR B 26 24.39 -27.47 -24.71
C THR B 26 25.80 -27.73 -24.20
N THR B 27 26.49 -26.68 -23.77
CA THR B 27 27.85 -26.84 -23.26
C THR B 27 27.89 -27.82 -22.09
N ALA B 28 27.01 -27.61 -21.10
CA ALA B 28 27.00 -28.46 -19.92
C ALA B 28 26.67 -29.91 -20.28
N LEU B 29 25.64 -30.12 -21.10
CA LEU B 29 25.24 -31.48 -21.47
C LEU B 29 26.34 -32.18 -22.25
N GLU B 30 26.90 -31.52 -23.27
CA GLU B 30 27.95 -32.14 -24.07
C GLU B 30 29.19 -32.43 -23.22
N ASP B 31 29.52 -31.54 -22.29
CA ASP B 31 30.66 -31.78 -21.41
C ASP B 31 30.43 -33.00 -20.52
N GLU B 32 29.18 -33.39 -20.28
CA GLU B 32 28.83 -34.59 -19.54
C GLU B 32 28.72 -35.82 -20.42
N GLY B 33 29.00 -35.69 -21.72
CA GLY B 33 28.98 -36.84 -22.60
C GLY B 33 27.67 -37.08 -23.31
N PHE B 34 26.79 -36.09 -23.37
CA PHE B 34 25.52 -36.24 -24.07
C PHE B 34 25.62 -35.63 -25.47
N GLU B 35 24.74 -36.11 -26.35
CA GLU B 35 24.55 -35.57 -27.68
C GLU B 35 23.36 -34.63 -27.64
N VAL B 36 23.52 -33.42 -28.19
CA VAL B 36 22.53 -32.37 -28.08
C VAL B 36 22.19 -31.86 -29.47
N GLU B 37 20.90 -31.74 -29.76
CA GLU B 37 20.42 -31.15 -31.00
C GLU B 37 19.41 -30.07 -30.67
N VAL B 38 19.50 -28.94 -31.37
CA VAL B 38 18.63 -27.79 -31.15
C VAL B 38 17.70 -27.66 -32.35
N LEU B 39 16.40 -27.57 -32.07
CA LEU B 39 15.41 -27.17 -33.06
C LEU B 39 15.01 -25.74 -32.72
N ASP B 40 15.39 -24.80 -33.60
CA ASP B 40 15.13 -23.39 -33.39
C ASP B 40 14.02 -22.95 -34.32
N LEU B 41 12.86 -22.60 -33.75
CA LEU B 41 11.68 -22.24 -34.52
C LEU B 41 11.56 -20.75 -34.78
N THR B 42 12.50 -19.93 -34.31
CA THR B 42 12.38 -18.48 -34.50
C THR B 42 12.28 -18.12 -35.96
N PHE B 43 13.02 -18.80 -36.82
CA PHE B 43 12.97 -18.55 -38.25
C PHE B 43 12.12 -19.58 -39.00
N ARG B 44 11.33 -20.38 -38.28
CA ARG B 44 10.39 -21.31 -38.86
C ARG B 44 8.97 -21.00 -38.39
N ARG B 45 8.61 -19.71 -38.38
CA ARG B 45 7.34 -19.30 -37.77
C ARG B 45 6.15 -19.85 -38.54
N ASP B 46 6.23 -19.88 -39.86
CA ASP B 46 5.10 -20.29 -40.68
C ASP B 46 5.04 -21.80 -40.94
N ASP B 47 6.02 -22.56 -40.45
CA ASP B 47 6.03 -23.99 -40.73
C ASP B 47 6.76 -24.76 -39.63
N TRP B 48 6.63 -24.31 -38.39
CA TRP B 48 7.31 -25.03 -37.30
C TRP B 48 6.79 -26.45 -37.15
N LYS B 49 5.51 -26.69 -37.44
CA LYS B 49 4.99 -28.05 -37.40
C LYS B 49 5.74 -28.95 -38.36
N THR B 50 6.02 -28.47 -39.57
CA THR B 50 6.84 -29.22 -40.52
C THR B 50 8.22 -29.51 -39.92
N CYS B 51 8.83 -28.53 -39.28
CA CYS B 51 10.12 -28.74 -38.63
C CYS B 51 10.04 -29.85 -37.59
N LEU B 52 8.96 -29.88 -36.81
CA LEU B 52 8.79 -30.93 -35.81
C LEU B 52 8.53 -32.29 -36.45
N HIS B 53 7.62 -32.33 -37.43
CA HIS B 53 7.30 -33.58 -38.11
C HIS B 53 8.56 -34.26 -38.62
N GLU B 54 9.42 -33.49 -39.29
CA GLU B 54 10.62 -34.06 -39.89
C GLU B 54 11.58 -34.56 -38.82
N TYR B 55 11.82 -33.76 -37.77
CA TYR B 55 12.82 -34.14 -36.78
C TYR B 55 12.44 -35.44 -36.07
N PHE B 56 11.23 -35.53 -35.53
CA PHE B 56 10.88 -36.66 -34.68
C PHE B 56 10.73 -37.95 -35.47
N ALA B 57 10.41 -37.88 -36.76
CA ALA B 57 10.43 -39.09 -37.58
C ALA B 57 11.85 -39.59 -37.79
N GLU B 58 12.83 -38.70 -37.83
CA GLU B 58 14.20 -39.05 -38.11
C GLU B 58 15.01 -39.36 -36.86
N ARG B 59 14.70 -38.70 -35.75
CA ARG B 59 15.45 -38.82 -34.51
C ARG B 59 14.54 -39.25 -33.37
N SER B 60 15.14 -39.84 -32.34
CA SER B 60 14.41 -40.31 -31.17
C SER B 60 15.15 -39.87 -29.91
N PRO B 61 15.11 -38.58 -29.58
CA PRO B 61 15.72 -38.14 -28.32
C PRO B 61 14.95 -38.70 -27.13
N MET B 62 15.70 -38.99 -26.06
CA MET B 62 15.11 -39.54 -24.85
C MET B 62 14.70 -38.46 -23.84
N LEU B 63 15.02 -37.20 -24.10
CA LEU B 63 14.57 -36.09 -23.28
C LEU B 63 14.41 -34.88 -24.17
N VAL B 64 13.27 -34.19 -24.07
CA VAL B 64 13.01 -32.98 -24.84
C VAL B 64 12.96 -31.81 -23.87
N GLY B 65 13.74 -30.78 -24.14
CA GLY B 65 13.76 -29.59 -23.31
C GLY B 65 13.24 -28.39 -24.07
N VAL B 66 12.38 -27.59 -23.46
CA VAL B 66 11.83 -26.41 -24.10
C VAL B 66 12.17 -25.19 -23.25
N THR B 67 12.80 -24.19 -23.86
CA THR B 67 13.13 -22.96 -23.15
C THR B 67 12.01 -21.94 -23.36
N VAL B 68 11.44 -21.45 -22.27
CA VAL B 68 10.37 -20.46 -22.33
C VAL B 68 10.93 -19.13 -21.85
N ARG B 69 11.41 -18.31 -22.79
CA ARG B 69 12.04 -17.04 -22.44
C ARG B 69 11.02 -16.04 -21.89
N ASN B 70 9.93 -15.85 -22.61
CA ASN B 70 8.96 -14.81 -22.29
C ASN B 70 7.60 -15.46 -22.02
N THR B 71 6.99 -15.09 -20.88
CA THR B 71 5.60 -15.45 -20.64
C THR B 71 4.67 -14.58 -21.47
N ASP B 72 5.02 -13.31 -21.62
CA ASP B 72 4.28 -12.33 -22.39
C ASP B 72 5.23 -11.18 -22.71
N THR B 73 4.70 -10.15 -23.37
CA THR B 73 5.53 -8.99 -23.67
C THR B 73 5.86 -8.16 -22.44
N VAL B 74 5.14 -8.38 -21.33
CA VAL B 74 5.30 -7.61 -20.10
C VAL B 74 5.12 -6.14 -20.44
N TYR B 75 4.07 -5.83 -21.19
CA TYR B 75 3.72 -4.46 -21.54
C TYR B 75 2.25 -4.26 -21.18
N ALA B 76 2.00 -3.45 -20.14
CA ALA B 76 0.70 -3.42 -19.46
C ALA B 76 -0.44 -3.09 -20.41
N PHE B 77 -0.21 -2.20 -21.38
CA PHE B 77 -1.30 -1.84 -22.29
C PHE B 77 -1.54 -2.90 -23.36
N GLU B 78 -0.61 -3.82 -23.56
CA GLU B 78 -0.75 -4.80 -24.64
C GLU B 78 -1.27 -6.14 -24.15
N GLN B 79 -0.68 -6.67 -23.07
CA GLN B 79 -1.09 -7.92 -22.44
C GLN B 79 -1.22 -9.03 -23.49
N ARG B 80 -0.09 -9.28 -24.15
CA ARG B 80 0.00 -10.27 -25.21
C ARG B 80 0.72 -11.50 -24.68
N PRO B 81 0.03 -12.60 -24.41
CA PRO B 81 0.70 -13.79 -23.88
C PRO B 81 1.44 -14.54 -24.96
N PHE B 82 2.51 -15.22 -24.53
CA PHE B 82 3.21 -16.18 -25.38
C PHE B 82 3.04 -17.63 -24.94
N VAL B 83 2.52 -17.86 -23.73
CA VAL B 83 2.49 -19.23 -23.21
C VAL B 83 1.46 -20.09 -23.95
N GLY B 84 0.42 -19.47 -24.51
CA GLY B 84 -0.50 -20.22 -25.35
C GLY B 84 0.17 -20.76 -26.60
N GLU B 85 0.94 -19.91 -27.28
CA GLU B 85 1.70 -20.35 -28.45
C GLU B 85 2.77 -21.36 -28.07
N HIS B 86 3.40 -21.18 -26.91
CA HIS B 86 4.36 -22.17 -26.44
C HIS B 86 3.67 -23.51 -26.20
N ARG B 87 2.47 -23.48 -25.61
CA ARG B 87 1.74 -24.72 -25.34
C ARG B 87 1.36 -25.42 -26.64
N GLU B 88 1.04 -24.65 -27.68
CA GLU B 88 0.67 -25.27 -28.95
C GLU B 88 1.85 -26.05 -29.52
N ILE B 89 3.06 -25.54 -29.35
CA ILE B 89 4.25 -26.27 -29.82
C ILE B 89 4.49 -27.50 -28.95
N ILE B 90 4.30 -27.37 -27.63
CA ILE B 90 4.51 -28.51 -26.74
C ILE B 90 3.48 -29.61 -26.99
N THR B 91 2.24 -29.24 -27.32
CA THR B 91 1.23 -30.24 -27.60
C THR B 91 1.58 -31.04 -28.85
N GLU B 92 2.10 -30.37 -29.88
CA GLU B 92 2.53 -31.09 -31.07
C GLU B 92 3.69 -32.04 -30.75
N ILE B 93 4.59 -31.61 -29.86
CA ILE B 93 5.73 -32.45 -29.49
C ILE B 93 5.27 -33.74 -28.83
N ARG B 94 4.36 -33.64 -27.86
CA ARG B 94 3.88 -34.84 -27.18
C ARG B 94 3.07 -35.73 -28.11
N ARG B 95 2.48 -35.15 -29.16
CA ARG B 95 1.82 -35.93 -30.18
C ARG B 95 2.81 -36.82 -30.92
N LEU B 96 4.02 -36.33 -31.15
CA LEU B 96 5.00 -36.98 -32.01
C LEU B 96 5.97 -37.89 -31.25
N THR B 97 6.03 -37.78 -29.92
CA THR B 97 6.95 -38.61 -29.15
C THR B 97 6.38 -38.82 -27.75
N ASP B 98 6.89 -39.86 -27.10
CA ASP B 98 6.59 -40.13 -25.70
C ASP B 98 7.75 -39.77 -24.78
N ALA B 99 8.83 -39.22 -25.32
CA ALA B 99 9.95 -38.80 -24.48
C ALA B 99 9.47 -37.74 -23.49
N PRO B 100 10.01 -37.73 -22.27
CA PRO B 100 9.58 -36.72 -21.31
C PRO B 100 10.02 -35.33 -21.74
N VAL B 101 9.25 -34.33 -21.33
CA VAL B 101 9.50 -32.92 -21.66
C VAL B 101 9.83 -32.16 -20.38
N VAL B 102 10.92 -31.39 -20.41
CA VAL B 102 11.32 -30.57 -19.28
C VAL B 102 11.29 -29.11 -19.73
N GLY B 103 10.69 -28.26 -18.90
CA GLY B 103 10.58 -26.84 -19.18
C GLY B 103 11.61 -26.03 -18.41
N GLY B 104 11.98 -24.89 -18.99
CA GLY B 104 12.93 -23.98 -18.36
C GLY B 104 12.85 -22.61 -18.99
N GLY B 105 13.57 -21.67 -18.39
CA GLY B 105 13.57 -20.31 -18.89
C GLY B 105 13.39 -19.25 -17.83
N ILE B 106 13.81 -18.02 -18.15
CA ILE B 106 13.62 -16.91 -17.23
C ILE B 106 12.14 -16.63 -17.04
N GLY B 107 11.41 -16.39 -18.14
CA GLY B 107 9.98 -16.24 -18.04
C GLY B 107 9.31 -17.46 -17.43
N PHE B 108 9.79 -18.65 -17.79
CA PHE B 108 9.28 -19.88 -17.20
C PHE B 108 9.44 -19.88 -15.68
N SER B 109 10.59 -19.42 -15.20
CA SER B 109 10.88 -19.43 -13.76
C SER B 109 10.08 -18.39 -12.97
N THR B 110 9.34 -17.51 -13.64
CA THR B 110 8.43 -16.61 -12.93
C THR B 110 7.16 -17.33 -12.48
N MET B 111 6.86 -18.49 -13.07
CA MET B 111 5.67 -19.26 -12.72
C MET B 111 5.87 -20.72 -13.14
N PRO B 112 6.91 -21.39 -12.65
CA PRO B 112 7.24 -22.70 -13.23
C PRO B 112 6.25 -23.79 -12.89
N PHE B 113 5.71 -23.80 -11.66
CA PHE B 113 4.74 -24.82 -11.30
C PHE B 113 3.47 -24.68 -12.13
N ALA B 114 2.95 -23.45 -12.25
CA ALA B 114 1.76 -23.23 -13.06
C ALA B 114 1.99 -23.65 -14.52
N LEU B 115 3.16 -23.33 -15.07
CA LEU B 115 3.41 -23.63 -16.47
C LEU B 115 3.63 -25.12 -16.69
N VAL B 116 4.30 -25.80 -15.74
CA VAL B 116 4.47 -27.25 -15.84
C VAL B 116 3.10 -27.93 -15.96
N GLU B 117 2.16 -27.54 -15.09
CA GLU B 117 0.82 -28.12 -15.17
C GLU B 117 0.06 -27.63 -16.39
N TYR B 118 0.21 -26.35 -16.74
CA TYR B 118 -0.50 -25.81 -17.89
C TYR B 118 0.01 -26.42 -19.20
N PHE B 119 1.33 -26.57 -19.35
CA PHE B 119 1.85 -27.24 -20.53
C PHE B 119 1.58 -28.74 -20.52
N GLY B 120 1.39 -29.33 -19.34
CA GLY B 120 1.20 -30.77 -19.23
C GLY B 120 2.47 -31.55 -19.48
N ILE B 121 3.60 -31.07 -18.98
CA ILE B 121 4.89 -31.71 -19.22
C ILE B 121 5.36 -32.35 -17.92
N GLU B 122 6.35 -33.24 -18.06
CA GLU B 122 6.78 -34.04 -16.92
C GLU B 122 7.60 -33.22 -15.93
N TYR B 123 8.44 -32.31 -16.42
CA TYR B 123 9.43 -31.69 -15.56
C TYR B 123 9.57 -30.21 -15.87
N GLY B 124 10.14 -29.49 -14.90
CA GLY B 124 10.46 -28.08 -15.07
C GLY B 124 11.59 -27.73 -14.13
N VAL B 125 12.30 -26.65 -14.47
CA VAL B 125 13.39 -26.15 -13.65
C VAL B 125 13.17 -24.67 -13.40
N LYS B 126 13.46 -24.24 -12.17
CA LYS B 126 13.39 -22.84 -11.78
C LYS B 126 14.80 -22.31 -11.61
N GLY B 127 15.16 -21.28 -12.37
CA GLY B 127 16.49 -20.73 -12.34
C GLY B 127 17.42 -21.38 -13.35
N PRO B 128 18.72 -21.21 -13.15
CA PRO B 128 19.69 -21.81 -14.09
C PRO B 128 19.56 -23.33 -14.13
N GLY B 129 19.66 -23.89 -15.33
CA GLY B 129 19.35 -25.29 -15.51
C GLY B 129 20.47 -26.20 -15.92
N GLU B 130 21.68 -25.67 -16.10
CA GLU B 130 22.76 -26.47 -16.70
C GLU B 130 23.13 -27.67 -15.83
N LYS B 131 23.10 -27.49 -14.51
CA LYS B 131 23.47 -28.61 -13.63
C LYS B 131 22.29 -29.54 -13.40
N ILE B 132 21.10 -28.98 -13.20
CA ILE B 132 19.91 -29.80 -12.94
C ILE B 132 19.56 -30.62 -14.17
N LEU B 133 19.68 -30.02 -15.37
CA LEU B 133 19.34 -30.72 -16.60
C LEU B 133 20.27 -31.90 -16.85
N CYS B 134 21.55 -31.74 -16.53
CA CYS B 134 22.49 -32.85 -16.71
C CYS B 134 22.14 -34.01 -15.79
N GLU B 135 21.73 -33.72 -14.55
CA GLU B 135 21.30 -34.78 -13.66
C GLU B 135 20.02 -35.44 -14.17
N LEU B 136 19.09 -34.64 -14.68
CA LEU B 136 17.86 -35.20 -15.24
C LEU B 136 18.17 -36.10 -16.44
N ALA B 137 19.00 -35.60 -17.35
CA ALA B 137 19.37 -36.38 -18.53
C ALA B 137 20.05 -37.68 -18.13
N THR B 138 20.90 -37.64 -17.10
CA THR B 138 21.55 -38.86 -16.62
C THR B 138 20.52 -39.85 -16.07
N ALA B 139 19.55 -39.36 -15.31
CA ALA B 139 18.53 -40.24 -14.75
C ALA B 139 17.68 -40.88 -15.84
N ILE B 140 17.24 -40.08 -16.82
CA ILE B 140 16.40 -40.61 -17.89
C ILE B 140 17.15 -41.66 -18.71
N SER B 141 18.37 -41.32 -19.14
CA SER B 141 19.13 -42.21 -20.01
C SER B 141 19.41 -43.55 -19.32
N GLU B 142 19.63 -43.53 -18.02
CA GLU B 142 19.87 -44.76 -17.25
C GLU B 142 18.60 -45.45 -16.78
N GLY B 143 17.43 -44.94 -17.16
CA GLY B 143 16.19 -45.53 -16.71
C GLY B 143 15.94 -45.39 -15.22
N ARG B 144 16.42 -44.30 -14.61
CA ARG B 144 16.37 -44.14 -13.16
C ARG B 144 15.22 -43.23 -12.73
N ASP B 145 14.92 -43.34 -11.43
CA ASP B 145 13.94 -42.47 -10.78
C ASP B 145 14.47 -41.04 -10.68
N THR B 146 13.58 -40.08 -10.85
CA THR B 146 13.94 -38.66 -10.72
C THR B 146 13.53 -38.07 -9.39
N ALA B 147 12.95 -38.85 -8.48
CA ALA B 147 12.42 -38.31 -7.23
C ALA B 147 13.49 -37.68 -6.35
N GLY B 148 14.77 -37.91 -6.62
CA GLY B 148 15.84 -37.39 -5.79
C GLY B 148 16.73 -36.35 -6.41
N ILE B 149 16.33 -35.74 -7.53
CA ILE B 149 17.15 -34.72 -8.19
C ILE B 149 16.89 -33.36 -7.54
N PRO B 150 17.84 -32.80 -6.79
CA PRO B 150 17.57 -31.54 -6.09
C PRO B 150 17.23 -30.43 -7.08
N GLY B 151 16.16 -29.69 -6.76
CA GLY B 151 15.74 -28.56 -7.57
C GLY B 151 14.80 -28.88 -8.71
N LEU B 152 14.55 -30.16 -9.00
CA LEU B 152 13.71 -30.52 -10.11
C LEU B 152 12.24 -30.42 -9.73
N ILE B 153 11.46 -29.72 -10.55
CA ILE B 153 10.01 -29.67 -10.40
C ILE B 153 9.42 -30.83 -11.20
N ARG B 154 8.61 -31.65 -10.53
CA ARG B 154 8.07 -32.86 -11.14
C ARG B 154 6.55 -32.80 -11.16
N ASN B 155 5.97 -33.19 -12.28
CA ASN B 155 4.52 -33.14 -12.47
C ASN B 155 3.93 -34.48 -12.03
N THR B 156 3.41 -34.51 -10.82
CA THR B 156 2.69 -35.69 -10.32
C THR B 156 1.22 -35.61 -10.71
N GLU B 157 0.50 -36.70 -10.42
CA GLU B 157 -0.91 -36.76 -10.81
C GLU B 157 -1.76 -35.76 -10.05
N ARG B 158 -1.33 -35.34 -8.86
CA ARG B 158 -2.03 -34.30 -8.12
C ARG B 158 -1.54 -32.91 -8.45
N GLY B 159 -0.39 -32.79 -9.12
CA GLY B 159 0.13 -31.50 -9.53
C GLY B 159 1.64 -31.39 -9.45
N ALA B 160 2.19 -30.24 -9.83
CA ALA B 160 3.63 -30.07 -9.84
C ALA B 160 4.19 -29.96 -8.43
N VAL B 161 5.19 -30.77 -8.12
CA VAL B 161 5.84 -30.80 -6.82
C VAL B 161 7.35 -30.79 -7.04
N ARG B 162 8.06 -30.07 -6.18
CA ARG B 162 9.49 -29.85 -6.36
C ARG B 162 10.29 -30.70 -5.38
N VAL B 163 11.38 -31.27 -5.88
CA VAL B 163 12.37 -31.90 -5.00
C VAL B 163 13.16 -30.81 -4.28
N PRO B 164 13.37 -30.91 -2.96
CA PRO B 164 14.10 -29.86 -2.25
C PRO B 164 15.58 -29.90 -2.58
N PRO B 165 16.25 -28.73 -2.64
CA PRO B 165 17.69 -28.64 -2.90
C PRO B 165 18.54 -29.09 -1.72
N PRO B 180 8.12 -24.63 -0.49
CA PRO B 180 7.59 -25.48 -1.57
C PRO B 180 7.60 -24.77 -2.93
N THR B 181 7.56 -23.45 -2.94
CA THR B 181 7.66 -22.72 -4.20
C THR B 181 9.10 -22.46 -4.63
N GLY B 182 10.08 -22.69 -3.75
CA GLY B 182 11.45 -22.37 -4.08
C GLY B 182 11.71 -20.89 -4.29
N GLN B 183 10.82 -20.02 -3.81
CA GLN B 183 10.95 -18.59 -4.04
C GLN B 183 12.19 -18.03 -3.36
N PHE B 184 12.84 -17.08 -4.05
CA PHE B 184 13.89 -16.24 -3.48
C PHE B 184 15.03 -17.06 -2.87
N GLU B 185 15.46 -18.07 -3.59
CA GLU B 185 16.66 -18.81 -3.21
C GLU B 185 17.88 -18.23 -3.91
N PRO B 186 19.07 -18.43 -3.35
CA PRO B 186 20.28 -17.92 -4.02
C PRO B 186 20.55 -18.52 -5.40
N ARG B 187 20.36 -19.83 -5.56
CA ARG B 187 20.52 -20.56 -6.81
C ARG B 187 21.94 -20.49 -7.38
N VAL B 188 22.92 -20.07 -6.57
CA VAL B 188 24.29 -20.02 -7.06
C VAL B 188 24.79 -21.41 -7.43
N TRP B 189 24.39 -22.42 -6.64
CA TRP B 189 24.81 -23.79 -6.91
C TRP B 189 24.33 -24.31 -8.25
N GLN B 190 23.28 -23.71 -8.81
CA GLN B 190 22.74 -24.11 -10.11
C GLN B 190 23.58 -23.59 -11.28
N VAL B 191 24.50 -22.67 -11.02
CA VAL B 191 25.23 -21.93 -12.06
C VAL B 191 26.52 -22.64 -12.39
N ASP B 192 26.83 -22.72 -13.69
CA ASP B 192 28.14 -23.17 -14.16
C ASP B 192 29.05 -21.94 -14.21
N GLN B 193 29.87 -21.78 -13.18
CA GLN B 193 30.68 -20.58 -13.04
C GLN B 193 32.07 -20.72 -13.68
N LEU B 194 32.39 -21.89 -14.23
CA LEU B 194 33.72 -22.16 -14.75
C LEU B 194 33.79 -22.19 -16.27
N SER B 195 32.86 -22.87 -16.94
CA SER B 195 33.02 -23.20 -18.35
C SER B 195 32.86 -21.97 -19.24
N VAL B 196 33.48 -22.06 -20.42
CA VAL B 196 33.16 -21.19 -21.54
C VAL B 196 31.92 -21.75 -22.23
N TYR B 197 30.91 -20.91 -22.42
CA TYR B 197 29.72 -21.32 -23.15
C TYR B 197 30.03 -21.23 -24.64
N ARG B 198 30.05 -22.38 -25.31
CA ARG B 198 30.41 -22.41 -26.73
C ARG B 198 29.29 -21.81 -27.56
N ARG B 199 29.62 -20.80 -28.37
CA ARG B 199 28.66 -20.13 -29.24
C ARG B 199 29.05 -20.46 -30.68
N ARG B 200 28.22 -21.23 -31.36
CA ARG B 200 28.52 -21.72 -32.70
C ARG B 200 27.72 -20.94 -33.74
N SER B 201 28.18 -21.03 -34.98
CA SER B 201 27.52 -20.38 -36.11
C SER B 201 27.59 -21.29 -37.32
N GLY B 202 26.48 -21.39 -38.05
CA GLY B 202 26.42 -22.22 -39.23
C GLY B 202 26.40 -23.72 -39.00
N VAL B 203 26.15 -24.17 -37.77
CA VAL B 203 26.15 -25.59 -37.45
C VAL B 203 24.70 -26.05 -37.40
N PRO B 204 24.31 -27.04 -38.21
CA PRO B 204 22.92 -27.54 -38.14
C PRO B 204 22.62 -28.11 -36.77
N ARG B 205 21.37 -27.92 -36.34
CA ARG B 205 20.88 -28.42 -35.06
C ARG B 205 21.73 -27.90 -33.90
N LYS B 206 22.27 -26.70 -34.05
CA LYS B 206 22.88 -25.94 -32.99
C LYS B 206 22.40 -24.50 -33.15
N VAL B 207 22.46 -23.73 -32.05
CA VAL B 207 22.08 -22.32 -32.12
C VAL B 207 23.02 -21.60 -33.08
N ASP B 208 22.45 -20.88 -34.04
CA ASP B 208 23.19 -20.23 -35.12
C ASP B 208 23.34 -18.75 -34.76
N ASN B 209 24.41 -18.42 -34.04
CA ASN B 209 24.54 -17.08 -33.48
C ASN B 209 24.76 -16.02 -34.55
N LEU B 210 25.53 -16.35 -35.60
CA LEU B 210 25.75 -15.39 -36.66
C LEU B 210 24.45 -15.07 -37.39
N GLU B 211 23.60 -16.08 -37.60
CA GLU B 211 22.29 -15.83 -38.20
C GLU B 211 21.49 -14.83 -37.37
N TYR B 212 21.51 -14.98 -36.05
CA TYR B 212 20.83 -14.01 -35.19
C TYR B 212 21.48 -12.63 -35.27
N TYR B 213 22.81 -12.59 -35.37
CA TYR B 213 23.48 -11.30 -35.48
C TYR B 213 23.17 -10.61 -36.80
N ARG B 214 23.19 -11.35 -37.91
CA ARG B 214 22.92 -10.73 -39.20
C ARG B 214 21.47 -10.28 -39.33
N ARG B 215 20.55 -11.04 -38.74
CA ARG B 215 19.13 -10.74 -38.92
C ARG B 215 18.56 -9.88 -37.80
N GLY B 216 19.15 -9.92 -36.61
CA GLY B 216 18.62 -9.17 -35.50
C GLY B 216 19.52 -8.03 -35.04
N GLY B 217 20.83 -8.21 -35.13
CA GLY B 217 21.78 -7.14 -34.85
C GLY B 217 22.57 -7.28 -33.57
N LEU B 218 22.33 -8.32 -32.76
CA LEU B 218 22.95 -8.42 -31.45
C LEU B 218 23.56 -9.79 -31.19
N GLY B 219 24.65 -9.78 -30.43
CA GLY B 219 25.11 -10.93 -29.68
C GLY B 219 24.87 -10.69 -28.19
N SER B 220 25.18 -11.71 -27.39
CA SER B 220 24.90 -11.65 -25.96
C SER B 220 26.02 -12.30 -25.18
N ILE B 221 26.17 -11.86 -23.93
CA ILE B 221 27.23 -12.38 -23.06
C ILE B 221 26.77 -12.23 -21.61
N LEU B 222 26.94 -13.30 -20.84
CA LEU B 222 26.58 -13.34 -19.43
C LEU B 222 27.86 -13.27 -18.60
N THR B 223 27.91 -12.37 -17.63
CA THR B 223 29.04 -12.34 -16.70
C THR B 223 28.70 -12.88 -15.32
N LYS B 224 27.43 -12.82 -14.92
CA LYS B 224 27.02 -13.32 -13.60
C LYS B 224 25.51 -13.51 -13.59
N ASN B 225 25.08 -14.55 -12.89
CA ASN B 225 23.67 -14.85 -12.71
C ASN B 225 23.16 -14.28 -11.40
N GLY B 226 21.92 -13.78 -11.41
CA GLY B 226 21.23 -13.38 -10.20
C GLY B 226 21.22 -11.88 -10.00
N CYS B 227 20.40 -11.45 -9.04
CA CYS B 227 20.36 -10.07 -8.61
C CYS B 227 20.12 -10.04 -7.10
N ALA B 228 20.98 -9.31 -6.39
CA ALA B 228 20.91 -9.27 -4.93
C ALA B 228 19.88 -8.28 -4.40
N TYR B 229 19.24 -7.49 -5.26
CA TYR B 229 18.25 -6.53 -4.80
C TYR B 229 16.86 -7.17 -4.78
N ARG B 230 15.83 -6.36 -4.61
CA ARG B 230 14.48 -6.88 -4.39
C ARG B 230 13.46 -5.84 -4.85
N CYS B 231 13.70 -5.27 -6.03
CA CYS B 231 12.81 -4.23 -6.55
C CYS B 231 11.41 -4.77 -6.74
N SER B 232 10.42 -3.99 -6.29
CA SER B 232 9.05 -4.49 -6.17
C SER B 232 8.43 -4.88 -7.50
N HIS B 233 8.99 -4.43 -8.61
CA HIS B 233 8.41 -4.70 -9.92
C HIS B 233 9.04 -5.90 -10.63
N CYS B 234 10.17 -6.39 -10.15
CA CYS B 234 11.09 -7.17 -10.95
C CYS B 234 11.02 -8.65 -10.58
N VAL B 235 10.89 -9.50 -11.61
CA VAL B 235 10.86 -10.95 -11.39
C VAL B 235 12.24 -11.56 -11.19
N GLU B 236 13.31 -10.83 -11.51
CA GLU B 236 14.61 -11.46 -11.66
C GLU B 236 15.21 -11.98 -10.36
N PRO B 237 15.13 -11.26 -9.23
CA PRO B 237 15.67 -11.85 -7.99
C PRO B 237 15.12 -13.23 -7.68
N ASP B 238 13.83 -13.45 -7.88
CA ASP B 238 13.29 -14.79 -7.67
C ASP B 238 13.61 -15.72 -8.84
N ALA B 239 13.28 -15.30 -10.06
CA ALA B 239 13.36 -16.20 -11.21
C ALA B 239 14.79 -16.57 -11.56
N LYS B 240 15.75 -15.69 -11.28
CA LYS B 240 17.15 -15.97 -11.56
C LYS B 240 17.92 -16.46 -10.34
N GLY B 241 17.71 -15.85 -9.19
CA GLY B 241 18.51 -16.12 -8.00
C GLY B 241 18.77 -14.80 -7.29
N THR B 242 18.94 -14.89 -5.98
CA THR B 242 19.09 -13.72 -5.12
C THR B 242 20.54 -13.43 -4.75
N ARG B 243 21.47 -14.29 -5.17
CA ARG B 243 22.89 -14.08 -4.94
C ARG B 243 23.62 -14.23 -6.26
N TYR B 244 24.77 -13.58 -6.38
CA TYR B 244 25.48 -13.55 -7.66
C TYR B 244 26.28 -14.82 -7.82
N GLY B 245 26.04 -15.53 -8.93
CA GLY B 245 26.93 -16.57 -9.37
C GLY B 245 27.76 -16.04 -10.51
N GLN B 246 28.95 -15.53 -10.22
CA GLN B 246 29.76 -14.92 -11.27
C GLN B 246 30.60 -15.96 -11.99
N ARG B 247 30.72 -15.78 -13.30
CA ARG B 247 31.56 -16.63 -14.10
C ARG B 247 33.01 -16.18 -14.01
N GLU B 248 33.93 -17.12 -14.21
CA GLU B 248 35.34 -16.78 -14.26
C GLU B 248 35.57 -15.75 -15.37
N LEU B 249 36.35 -14.71 -15.04
CA LEU B 249 36.56 -13.62 -15.99
C LEU B 249 37.20 -14.13 -17.28
N ALA B 250 38.20 -15.00 -17.18
CA ALA B 250 38.87 -15.52 -18.38
C ALA B 250 37.88 -16.22 -19.29
N SER B 251 36.91 -16.95 -18.71
CA SER B 251 35.92 -17.65 -19.52
C SER B 251 34.98 -16.68 -20.21
N VAL B 252 34.60 -15.59 -19.53
CA VAL B 252 33.70 -14.61 -20.15
C VAL B 252 34.39 -13.92 -21.31
N VAL B 253 35.63 -13.46 -21.12
CA VAL B 253 36.32 -12.76 -22.19
C VAL B 253 36.64 -13.72 -23.33
N ASP B 254 36.98 -14.97 -23.02
CA ASP B 254 37.15 -15.98 -24.07
C ASP B 254 35.90 -16.07 -24.92
N GLU B 255 34.74 -16.14 -24.28
CA GLU B 255 33.48 -16.25 -25.02
C GLU B 255 33.21 -14.98 -25.82
N MET B 256 33.44 -13.81 -25.21
CA MET B 256 33.28 -12.56 -25.94
C MET B 256 34.23 -12.49 -27.12
N GLU B 257 35.48 -12.92 -26.92
CA GLU B 257 36.45 -12.93 -28.02
C GLU B 257 36.04 -13.91 -29.11
N SER B 258 35.45 -15.04 -28.73
CA SER B 258 34.94 -15.99 -29.71
C SER B 258 33.85 -15.37 -30.58
N LEU B 259 32.94 -14.62 -29.97
CA LEU B 259 31.88 -13.97 -30.74
C LEU B 259 32.47 -12.91 -31.66
N ALA B 260 33.36 -12.06 -31.12
CA ALA B 260 33.96 -11.02 -31.94
C ALA B 260 34.71 -11.60 -33.13
N ALA B 261 35.39 -12.74 -32.93
CA ALA B 261 36.13 -13.36 -34.02
C ALA B 261 35.22 -13.74 -35.17
N GLN B 262 34.00 -14.20 -34.86
CA GLN B 262 33.01 -14.56 -35.87
C GLN B 262 32.36 -13.36 -36.53
N GLY B 263 32.70 -12.14 -36.11
CA GLY B 263 32.03 -10.95 -36.62
C GLY B 263 30.85 -10.48 -35.81
N ILE B 264 30.59 -11.10 -34.65
CA ILE B 264 29.47 -10.68 -33.79
C ILE B 264 30.04 -9.59 -32.87
N LEU B 265 30.02 -8.35 -33.37
CA LEU B 265 30.71 -7.25 -32.70
C LEU B 265 29.83 -6.52 -31.67
N ASP B 266 28.52 -6.44 -31.91
CA ASP B 266 27.59 -5.82 -30.97
C ASP B 266 27.12 -6.86 -29.97
N GLN B 267 27.55 -6.72 -28.72
CA GLN B 267 27.26 -7.70 -27.68
C GLN B 267 26.52 -7.01 -26.54
N HIS B 268 25.34 -7.52 -26.22
CA HIS B 268 24.53 -7.00 -25.12
C HIS B 268 24.73 -7.91 -23.91
N THR B 269 25.11 -7.30 -22.79
CA THR B 269 25.27 -8.08 -21.57
C THR B 269 23.92 -8.61 -21.11
N THR B 270 23.92 -9.82 -20.55
CA THR B 270 22.69 -10.45 -20.11
C THR B 270 22.63 -10.60 -18.59
N ASP B 271 23.48 -9.88 -17.86
CA ASP B 271 23.34 -9.81 -16.42
C ASP B 271 22.04 -9.08 -16.06
N SER B 272 21.55 -9.36 -14.85
CA SER B 272 20.44 -8.56 -14.31
C SER B 272 20.79 -7.08 -14.35
N GLU B 273 21.96 -6.72 -13.82
CA GLU B 273 22.49 -5.36 -13.91
C GLU B 273 24.01 -5.47 -13.99
N PHE B 274 24.59 -4.92 -15.05
CA PHE B 274 26.03 -5.11 -15.24
C PHE B 274 26.85 -4.50 -14.10
N ASN B 275 26.47 -3.30 -13.64
CA ASN B 275 27.28 -2.56 -12.68
C ASN B 275 27.02 -2.93 -11.23
N LEU B 276 26.04 -3.79 -10.94
CA LEU B 276 25.92 -4.35 -9.61
C LEU B 276 26.96 -5.45 -9.44
N SER B 277 27.47 -5.58 -8.22
CA SER B 277 28.70 -6.35 -7.97
C SER B 277 29.84 -5.76 -8.81
N ILE B 278 30.20 -4.53 -8.43
CA ILE B 278 30.95 -3.64 -9.32
C ILE B 278 32.39 -4.08 -9.49
N ALA B 279 33.01 -4.63 -8.44
CA ALA B 279 34.41 -5.02 -8.53
C ALA B 279 34.62 -6.06 -9.62
N HIS B 280 33.68 -6.99 -9.74
CA HIS B 280 33.74 -8.03 -10.77
C HIS B 280 33.56 -7.44 -12.16
N ALA B 281 32.65 -6.47 -12.30
CA ALA B 281 32.45 -5.82 -13.60
C ALA B 281 33.68 -5.01 -14.00
N LYS B 282 34.31 -4.32 -13.05
CA LYS B 282 35.50 -3.55 -13.36
C LYS B 282 36.67 -4.45 -13.74
N ASN B 283 36.82 -5.58 -13.06
CA ASN B 283 37.87 -6.52 -13.43
C ASN B 283 37.62 -7.15 -14.79
N LEU B 284 36.35 -7.36 -15.15
CA LEU B 284 36.04 -7.85 -16.49
C LEU B 284 36.47 -6.84 -17.54
N LEU B 285 36.15 -5.56 -17.32
CA LEU B 285 36.51 -4.53 -18.27
C LEU B 285 38.03 -4.38 -18.39
N ARG B 286 38.76 -4.51 -17.29
CA ARG B 286 40.21 -4.41 -17.36
C ARG B 286 40.80 -5.51 -18.22
N GLU B 287 40.27 -6.74 -18.10
CA GLU B 287 40.79 -7.85 -18.89
C GLU B 287 40.57 -7.61 -20.38
N ILE B 288 39.41 -7.06 -20.75
CA ILE B 288 39.14 -6.76 -22.15
C ILE B 288 40.08 -5.67 -22.65
N VAL B 289 40.27 -4.61 -21.86
CA VAL B 289 41.18 -3.54 -22.27
C VAL B 289 42.59 -4.10 -22.43
N ARG B 290 43.00 -4.96 -21.51
CA ARG B 290 44.34 -5.55 -21.58
C ARG B 290 44.50 -6.39 -22.84
N ARG B 291 43.50 -7.21 -23.19
CA ARG B 291 43.61 -8.01 -24.41
C ARG B 291 43.56 -7.14 -25.65
N ARG B 292 42.76 -6.07 -25.62
CA ARG B 292 42.72 -5.14 -26.75
C ARG B 292 44.11 -4.56 -27.03
N HIS B 293 44.80 -4.12 -25.98
CA HIS B 293 46.13 -3.53 -26.17
C HIS B 293 47.19 -4.59 -26.43
N ALA B 294 47.02 -5.80 -25.91
CA ALA B 294 48.06 -6.82 -26.03
C ALA B 294 48.25 -7.27 -27.48
N ASP B 295 47.21 -7.19 -28.30
CA ASP B 295 47.29 -7.62 -29.70
C ASP B 295 46.27 -6.85 -30.51
N PRO B 296 46.72 -6.00 -31.44
CA PRO B 296 45.76 -5.23 -32.25
C PRO B 296 44.89 -6.09 -33.15
N ASP B 297 45.30 -7.32 -33.46
CA ASP B 297 44.47 -8.23 -34.24
C ASP B 297 43.38 -8.91 -33.43
N ASN B 298 43.44 -8.84 -32.10
CA ASN B 298 42.38 -9.42 -31.27
C ASN B 298 41.06 -8.77 -31.66
N PRO B 299 40.04 -9.56 -32.04
CA PRO B 299 38.78 -8.96 -32.50
C PRO B 299 38.06 -8.14 -31.44
N LEU B 300 38.41 -8.30 -30.17
CA LEU B 300 37.87 -7.45 -29.12
C LEU B 300 38.19 -5.98 -29.35
N ASN B 301 39.14 -5.66 -30.25
CA ASN B 301 39.39 -4.26 -30.59
C ASN B 301 38.23 -3.65 -31.35
N ARG B 302 37.31 -4.45 -31.88
CA ARG B 302 36.11 -3.94 -32.54
C ARG B 302 34.85 -4.23 -31.74
N LEU B 303 34.99 -4.61 -30.47
CA LEU B 303 33.83 -4.90 -29.63
C LEU B 303 32.95 -3.68 -29.50
N ARG B 304 31.64 -3.90 -29.56
CA ARG B 304 30.62 -2.88 -29.29
C ARG B 304 29.71 -3.42 -28.20
N LEU B 305 30.00 -3.03 -26.96
CA LEU B 305 29.32 -3.56 -25.79
C LEU B 305 28.11 -2.70 -25.41
N TRP B 306 26.98 -3.35 -25.15
CA TRP B 306 25.76 -2.70 -24.70
C TRP B 306 25.33 -3.35 -23.39
N VAL B 307 24.96 -2.53 -22.40
CA VAL B 307 24.82 -3.02 -21.04
C VAL B 307 23.54 -2.51 -20.38
N TYR B 308 23.11 -3.22 -19.34
CA TYR B 308 22.10 -2.76 -18.42
C TYR B 308 22.80 -2.25 -17.17
N CYS B 309 22.34 -1.11 -16.66
CA CYS B 309 22.90 -0.55 -15.44
C CYS B 309 21.79 0.04 -14.58
N GLN B 310 22.03 0.08 -13.30
CA GLN B 310 21.28 0.87 -12.35
C GLN B 310 22.01 2.19 -12.11
N PRO B 311 21.31 3.21 -11.60
CA PRO B 311 21.96 4.52 -11.43
C PRO B 311 23.19 4.50 -10.54
N SER B 312 23.27 3.56 -9.60
CA SER B 312 24.45 3.41 -8.75
C SER B 312 24.77 1.93 -8.61
N PRO B 313 26.05 1.55 -8.55
CA PRO B 313 27.24 2.42 -8.63
C PRO B 313 27.72 2.64 -10.06
N PHE B 314 28.03 3.90 -10.38
CA PHE B 314 28.51 4.28 -11.70
C PHE B 314 29.44 5.48 -11.49
N ASP B 315 30.72 5.18 -11.26
CA ASP B 315 31.68 6.22 -10.96
C ASP B 315 32.57 6.49 -12.19
N GLU B 316 33.48 7.45 -12.05
CA GLU B 316 34.30 7.87 -13.18
C GLU B 316 35.22 6.76 -13.65
N GLU B 317 35.75 5.96 -12.72
CA GLU B 317 36.62 4.85 -13.11
C GLU B 317 35.86 3.82 -13.93
N PHE B 318 34.64 3.48 -13.51
CA PHE B 318 33.82 2.54 -14.28
C PHE B 318 33.55 3.07 -15.67
N ALA B 319 33.28 4.37 -15.80
CA ALA B 319 33.01 4.95 -17.11
C ALA B 319 34.24 4.89 -18.01
N ASP B 320 35.42 5.20 -17.46
CA ASP B 320 36.65 5.12 -18.25
C ASP B 320 36.87 3.69 -18.74
N LEU B 321 36.63 2.70 -17.87
CA LEU B 321 36.82 1.31 -18.26
C LEU B 321 35.81 0.89 -19.31
N LEU B 322 34.55 1.33 -19.18
CA LEU B 322 33.56 1.06 -20.21
C LEU B 322 33.98 1.65 -21.54
N ALA B 323 34.46 2.90 -21.52
CA ALA B 323 34.88 3.56 -22.76
C ALA B 323 36.02 2.80 -23.41
N ALA B 324 37.00 2.38 -22.62
CA ALA B 324 38.18 1.72 -23.17
C ALA B 324 37.87 0.31 -23.65
N ALA B 325 36.94 -0.40 -22.99
CA ALA B 325 36.63 -1.77 -23.37
C ALA B 325 35.82 -1.84 -24.66
N GLY B 326 35.20 -0.75 -25.08
CA GLY B 326 34.38 -0.73 -26.26
C GLY B 326 32.89 -0.55 -26.05
N CYS B 327 32.48 -0.08 -24.87
CA CYS B 327 31.06 0.16 -24.62
C CYS B 327 30.54 1.30 -25.50
N ARG B 328 29.36 1.09 -26.06
CA ARG B 328 28.74 2.07 -26.94
C ARG B 328 27.43 2.63 -26.40
N GLY B 329 26.77 1.93 -25.48
CA GLY B 329 25.54 2.42 -24.91
C GLY B 329 25.25 1.80 -23.57
N VAL B 330 24.56 2.55 -22.71
CA VAL B 330 24.13 2.10 -21.40
C VAL B 330 22.64 2.38 -21.28
N ASN B 331 21.87 1.36 -20.93
CA ASN B 331 20.48 1.51 -20.55
C ASN B 331 20.43 1.53 -19.03
N VAL B 332 19.94 2.64 -18.47
CA VAL B 332 19.88 2.82 -17.02
C VAL B 332 18.41 2.80 -16.59
N GLY B 333 18.10 1.89 -15.65
CA GLY B 333 16.75 1.80 -15.11
C GLY B 333 16.51 2.77 -13.97
N SER B 334 16.53 4.07 -14.28
CA SER B 334 16.25 5.09 -13.27
C SER B 334 14.82 4.98 -12.76
N ASP B 335 13.87 4.68 -13.66
CA ASP B 335 12.49 4.32 -13.33
C ASP B 335 11.64 5.47 -12.78
N HIS B 336 12.21 6.32 -11.93
CA HIS B 336 11.48 7.48 -11.41
C HIS B 336 12.47 8.40 -10.70
N ILE B 337 11.97 9.56 -10.26
CA ILE B 337 12.75 10.53 -9.52
C ILE B 337 12.20 10.75 -8.10
N ARG B 338 10.88 10.67 -7.93
CA ARG B 338 10.26 11.00 -6.65
C ARG B 338 10.62 10.00 -5.55
N PRO B 339 11.28 10.44 -4.47
CA PRO B 339 11.60 9.51 -3.38
C PRO B 339 10.38 8.88 -2.75
N GLU B 340 9.24 9.58 -2.74
CA GLU B 340 8.01 8.98 -2.23
C GLU B 340 7.63 7.75 -3.04
N LEU B 341 7.81 7.79 -4.36
CA LEU B 341 7.47 6.64 -5.18
C LEU B 341 8.54 5.57 -5.14
N LEU B 342 9.82 5.97 -5.16
CA LEU B 342 10.91 5.01 -5.19
C LEU B 342 11.04 4.24 -3.88
N SER B 343 10.63 4.85 -2.76
CA SER B 343 10.70 4.16 -1.49
C SER B 343 9.79 2.93 -1.50
N GLY B 344 10.31 1.81 -1.00
CA GLY B 344 9.59 0.56 -1.07
C GLY B 344 9.51 -0.04 -2.46
N TRP B 345 10.05 0.62 -3.47
CA TRP B 345 10.02 0.13 -4.84
C TRP B 345 11.42 -0.24 -5.31
N LYS B 346 12.28 0.73 -5.60
CA LYS B 346 13.66 0.46 -6.01
C LYS B 346 14.49 0.32 -4.75
N VAL B 347 14.52 -0.89 -4.21
CA VAL B 347 15.07 -1.15 -2.88
C VAL B 347 15.98 -2.37 -2.90
N THR B 348 16.92 -2.40 -1.97
CA THR B 348 17.72 -3.60 -1.74
C THR B 348 16.91 -4.63 -0.97
N GLU B 349 17.56 -5.75 -0.65
CA GLU B 349 16.90 -6.80 0.13
C GLU B 349 16.51 -6.31 1.52
N LYS B 350 17.28 -5.38 2.08
CA LYS B 350 16.96 -4.81 3.39
C LYS B 350 15.87 -3.75 3.34
N GLY B 351 15.42 -3.33 2.15
CA GLY B 351 14.33 -2.39 2.03
C GLY B 351 14.71 -0.94 1.80
N GLY B 352 16.01 -0.64 1.75
CA GLY B 352 16.44 0.72 1.53
C GLY B 352 16.68 1.06 0.07
N THR B 353 16.43 2.32 -0.27
CA THR B 353 16.81 2.81 -1.59
C THR B 353 18.32 2.79 -1.72
N TYR B 354 18.80 2.83 -2.97
CA TYR B 354 20.23 2.72 -3.19
C TYR B 354 20.75 3.75 -4.19
N TYR B 355 19.93 4.68 -4.66
CA TYR B 355 20.43 5.78 -5.46
C TYR B 355 19.55 7.00 -5.29
N THR B 356 20.04 8.13 -5.80
CA THR B 356 19.28 9.36 -5.92
C THR B 356 19.30 9.80 -7.38
N PHE B 357 18.63 10.93 -7.67
CA PHE B 357 18.65 11.41 -9.04
C PHE B 357 20.02 11.93 -9.46
N GLU B 358 20.86 12.31 -8.49
CA GLU B 358 22.23 12.69 -8.82
C GLU B 358 22.96 11.55 -9.53
N ASP B 359 22.67 10.31 -9.14
CA ASP B 359 23.36 9.17 -9.72
C ASP B 359 23.05 9.04 -11.21
N THR B 360 21.78 9.18 -11.59
CA THR B 360 21.43 9.16 -13.01
C THR B 360 22.06 10.34 -13.75
N GLU B 361 22.01 11.53 -13.14
CA GLU B 361 22.67 12.70 -13.75
CA GLU B 361 22.66 12.69 -13.76
C GLU B 361 24.15 12.43 -13.99
N ARG B 362 24.83 11.85 -13.00
CA ARG B 362 26.24 11.57 -13.17
C ARG B 362 26.49 10.50 -14.22
N LEU B 363 25.64 9.46 -14.26
CA LEU B 363 25.81 8.41 -15.26
C LEU B 363 25.72 8.99 -16.66
N VAL B 364 24.66 9.76 -16.94
CA VAL B 364 24.46 10.32 -18.28
C VAL B 364 25.59 11.25 -18.66
N ARG B 365 26.08 12.07 -17.70
CA ARG B 365 27.18 13.00 -17.99
C ARG B 365 28.46 12.25 -18.32
N LEU B 366 28.82 11.27 -17.49
CA LEU B 366 30.04 10.49 -17.74
C LEU B 366 29.99 9.81 -19.10
N CYS B 367 28.83 9.24 -19.46
CA CYS B 367 28.67 8.62 -20.76
C CYS B 367 28.74 9.65 -21.88
N ARG B 368 28.16 10.84 -21.66
CA ARG B 368 28.24 11.90 -22.66
C ARG B 368 29.69 12.30 -22.92
N GLU B 369 30.45 12.53 -21.83
CA GLU B 369 31.85 12.92 -21.96
C GLU B 369 32.68 11.91 -22.73
N ARG B 370 32.22 10.67 -22.86
CA ARG B 370 32.98 9.61 -23.50
C ARG B 370 32.30 9.06 -24.74
N GLY B 371 31.32 9.77 -25.28
CA GLY B 371 30.66 9.33 -26.50
C GLY B 371 29.87 8.04 -26.36
N ILE B 372 29.34 7.78 -25.17
CA ILE B 372 28.56 6.58 -24.90
C ILE B 372 27.10 6.98 -24.85
N LEU B 373 26.28 6.37 -25.71
CA LEU B 373 24.87 6.69 -25.78
C LEU B 373 24.16 6.21 -24.53
N THR B 374 22.99 6.78 -24.28
CA THR B 374 22.26 6.48 -23.06
C THR B 374 20.77 6.32 -23.32
N MET B 375 20.17 5.34 -22.67
CA MET B 375 18.71 5.26 -22.58
C MET B 375 18.32 5.24 -21.12
N VAL B 376 17.41 6.14 -20.74
CA VAL B 376 16.94 6.27 -19.37
C VAL B 376 15.52 5.73 -19.32
N GLU B 377 15.30 4.75 -18.44
CA GLU B 377 13.98 4.13 -18.30
C GLU B 377 13.15 4.86 -17.26
N ALA B 378 11.86 5.03 -17.55
CA ALA B 378 10.90 5.54 -16.60
C ALA B 378 9.68 4.62 -16.59
N LEU B 379 9.25 4.20 -15.40
CA LEU B 379 8.10 3.32 -15.25
C LEU B 379 7.04 4.05 -14.45
N PHE B 380 5.91 4.36 -15.10
CA PHE B 380 4.85 5.15 -14.51
C PHE B 380 3.69 4.27 -14.07
N GLY B 381 3.04 4.69 -12.98
CA GLY B 381 1.87 3.98 -12.49
C GLY B 381 2.08 3.12 -11.27
N MET B 382 3.26 3.16 -10.65
CA MET B 382 3.48 2.46 -9.41
C MET B 382 2.67 3.13 -8.30
N PRO B 383 2.48 2.47 -7.16
CA PRO B 383 1.68 3.08 -6.08
C PRO B 383 2.18 4.47 -5.72
N GLY B 384 1.25 5.41 -5.62
CA GLY B 384 1.55 6.80 -5.37
C GLY B 384 1.50 7.69 -6.59
N GLU B 385 1.46 7.11 -7.79
CA GLU B 385 1.55 7.91 -9.01
C GLU B 385 0.30 8.75 -9.21
N THR B 386 0.51 10.02 -9.52
CA THR B 386 -0.54 10.97 -9.88
C THR B 386 -0.07 11.73 -11.11
N PRO B 387 -0.96 12.53 -11.73
CA PRO B 387 -0.50 13.34 -12.88
C PRO B 387 0.70 14.23 -12.56
N GLU B 388 0.77 14.78 -11.35
CA GLU B 388 1.87 15.69 -11.03
C GLU B 388 3.17 14.93 -10.78
N THR B 389 3.09 13.70 -10.26
CA THR B 389 4.31 12.90 -10.16
C THR B 389 4.84 12.52 -11.54
N VAL B 390 3.94 12.32 -12.51
CA VAL B 390 4.38 12.00 -13.86
C VAL B 390 5.09 13.19 -14.49
N ARG B 391 4.47 14.38 -14.42
CA ARG B 391 5.07 15.55 -15.03
C ARG B 391 6.42 15.87 -14.40
N ALA B 392 6.53 15.67 -13.08
CA ALA B 392 7.80 15.94 -12.40
C ALA B 392 8.91 15.04 -12.91
N CYS B 393 8.61 13.75 -13.13
CA CYS B 393 9.60 12.84 -13.67
C CYS B 393 9.93 13.19 -15.11
N VAL B 394 8.91 13.52 -15.92
CA VAL B 394 9.13 13.84 -17.32
C VAL B 394 10.03 15.07 -17.47
N ASP B 395 9.70 16.15 -16.75
CA ASP B 395 10.48 17.37 -16.86
C ASP B 395 11.94 17.13 -16.50
N ALA B 396 12.18 16.41 -15.40
CA ALA B 396 13.55 16.17 -14.95
C ALA B 396 14.29 15.21 -15.89
N PHE B 397 13.64 14.12 -16.30
CA PHE B 397 14.30 13.16 -17.18
C PHE B 397 14.62 13.78 -18.54
N MET B 398 13.67 14.52 -19.12
CA MET B 398 13.91 15.08 -20.45
C MET B 398 15.07 16.06 -20.46
N ALA B 399 15.34 16.72 -19.33
CA ALA B 399 16.46 17.64 -19.23
C ALA B 399 17.81 16.93 -19.14
N LEU B 400 17.81 15.60 -18.93
CA LEU B 400 19.05 14.86 -18.94
C LEU B 400 19.72 14.84 -20.31
N ASP B 401 18.97 15.10 -21.37
CA ASP B 401 19.48 15.00 -22.75
C ASP B 401 20.05 13.63 -23.04
N ALA B 402 19.43 12.58 -22.48
CA ALA B 402 19.83 11.23 -22.82
C ALA B 402 19.49 10.93 -24.28
N THR B 403 20.21 9.98 -24.86
CA THR B 403 19.96 9.61 -26.26
C THR B 403 18.51 9.21 -26.47
N VAL B 404 18.00 8.33 -25.61
CA VAL B 404 16.61 7.92 -25.66
C VAL B 404 16.04 7.96 -24.25
N THR B 405 14.80 8.44 -24.13
CA THR B 405 14.08 8.42 -22.85
C THR B 405 12.81 7.61 -23.03
N GLY B 406 12.75 6.45 -22.38
CA GLY B 406 11.65 5.52 -22.56
C GLY B 406 10.64 5.60 -21.44
N PHE B 407 9.42 6.02 -21.78
CA PHE B 407 8.35 6.20 -20.81
C PHE B 407 7.38 5.03 -20.93
N SER B 408 7.31 4.20 -19.89
CA SER B 408 6.36 3.11 -19.81
C SER B 408 5.32 3.43 -18.74
N LEU B 409 4.12 2.85 -18.89
CA LEU B 409 2.98 3.22 -18.06
C LEU B 409 2.20 1.95 -17.73
N GLY B 410 2.19 1.56 -16.47
CA GLY B 410 1.48 0.37 -16.06
C GLY B 410 2.44 -0.77 -15.73
N LEU B 411 2.04 -1.59 -14.76
CA LEU B 411 2.88 -2.65 -14.21
C LEU B 411 2.21 -4.01 -14.39
N ARG B 412 2.94 -4.98 -14.94
CA ARG B 412 2.47 -6.36 -14.98
C ARG B 412 2.80 -7.05 -13.67
N LEU B 413 1.81 -7.71 -13.07
CA LEU B 413 2.00 -8.37 -11.80
C LEU B 413 2.40 -9.83 -11.98
N PHE B 414 3.28 -10.29 -11.09
CA PHE B 414 3.80 -11.64 -11.12
C PHE B 414 3.81 -12.20 -9.70
N PRO B 415 3.68 -13.52 -9.55
CA PRO B 415 3.50 -14.08 -8.21
C PRO B 415 4.66 -13.82 -7.28
N TYR B 416 5.89 -13.73 -7.79
CA TYR B 416 7.05 -13.55 -6.93
C TYR B 416 7.75 -12.20 -7.16
N THR B 417 6.97 -11.16 -7.49
CA THR B 417 7.51 -9.82 -7.29
C THR B 417 6.87 -9.20 -6.06
N PRO B 418 7.58 -8.35 -5.32
CA PRO B 418 6.97 -7.72 -4.13
C PRO B 418 5.67 -7.01 -4.42
N MET B 419 5.50 -6.43 -5.62
CA MET B 419 4.21 -5.83 -5.97
C MET B 419 3.15 -6.91 -6.13
N GLY B 420 3.48 -8.01 -6.79
CA GLY B 420 2.52 -9.09 -6.91
C GLY B 420 2.09 -9.63 -5.55
N ILE B 421 3.07 -9.84 -4.66
CA ILE B 421 2.78 -10.39 -3.34
C ILE B 421 1.97 -9.39 -2.51
N GLU B 422 2.39 -8.13 -2.49
CA GLU B 422 1.70 -7.11 -1.69
C GLU B 422 0.25 -6.95 -2.14
N ILE B 423 0.01 -6.93 -3.45
CA ILE B 423 -1.35 -6.75 -3.94
C ILE B 423 -2.20 -8.00 -3.68
N ALA B 424 -1.60 -9.18 -3.69
CA ALA B 424 -2.32 -10.37 -3.27
C ALA B 424 -2.66 -10.31 -1.79
N GLU B 425 -1.78 -9.71 -0.97
CA GLU B 425 -2.10 -9.48 0.43
C GLU B 425 -3.32 -8.57 0.59
N GLN B 426 -3.39 -7.50 -0.21
CA GLN B 426 -4.51 -6.58 -0.09
C GLN B 426 -5.83 -7.25 -0.46
N CYS B 427 -5.79 -8.18 -1.41
CA CYS B 427 -7.01 -8.90 -1.77
C CYS B 427 -7.43 -9.88 -0.68
N ALA B 428 -6.47 -10.55 -0.06
CA ALA B 428 -6.71 -11.51 1.03
C ALA B 428 -7.69 -12.61 0.62
N GLY B 429 -7.88 -12.81 -0.68
CA GLY B 429 -8.78 -13.83 -1.18
C GLY B 429 -10.24 -13.50 -1.07
N VAL B 430 -10.61 -12.30 -0.61
CA VAL B 430 -11.99 -11.96 -0.31
C VAL B 430 -12.43 -10.65 -0.94
N ARG B 431 -11.55 -9.91 -1.60
CA ARG B 431 -11.90 -8.61 -2.16
C ARG B 431 -10.88 -8.24 -3.22
N THR B 432 -11.25 -7.28 -4.07
CA THR B 432 -10.33 -6.75 -5.06
C THR B 432 -9.51 -5.61 -4.47
N ALA B 433 -8.37 -5.30 -5.11
CA ALA B 433 -7.51 -4.23 -4.63
C ALA B 433 -7.50 -3.06 -5.61
N PRO B 434 -7.41 -1.83 -5.12
CA PRO B 434 -7.37 -0.67 -6.03
C PRO B 434 -6.19 -0.74 -6.98
N GLY B 435 -6.45 -0.45 -8.26
CA GLY B 435 -5.42 -0.45 -9.28
C GLY B 435 -5.31 -1.74 -10.08
N LEU B 436 -5.96 -2.82 -9.63
CA LEU B 436 -5.91 -4.08 -10.36
C LEU B 436 -6.62 -3.95 -11.70
N GLN B 437 -5.99 -4.42 -12.77
CA GLN B 437 -6.61 -4.30 -14.09
C GLN B 437 -6.20 -5.48 -14.96
N SER B 438 -7.10 -5.84 -15.88
CA SER B 438 -6.77 -6.75 -16.98
C SER B 438 -7.78 -6.54 -18.10
N ASN B 439 -7.29 -6.50 -19.34
CA ASN B 439 -8.15 -6.20 -20.47
C ASN B 439 -9.16 -7.30 -20.75
N THR B 440 -8.95 -8.50 -20.20
CA THR B 440 -9.85 -9.62 -20.42
C THR B 440 -10.58 -10.02 -19.14
N ALA B 441 -10.65 -9.13 -18.17
CA ALA B 441 -11.28 -9.44 -16.89
C ALA B 441 -12.80 -9.39 -17.01
N ASP B 442 -13.46 -10.38 -16.42
CA ASP B 442 -14.91 -10.34 -16.22
C ASP B 442 -15.16 -10.05 -14.76
N GLY B 443 -15.24 -8.76 -14.42
CA GLY B 443 -15.57 -8.34 -13.08
C GLY B 443 -14.37 -8.22 -12.17
N PRO B 444 -14.61 -8.19 -10.86
CA PRO B 444 -13.53 -7.95 -9.90
C PRO B 444 -12.44 -9.02 -9.99
N ILE B 445 -11.20 -8.56 -9.93
CA ILE B 445 -10.04 -9.45 -9.86
C ILE B 445 -9.71 -9.66 -8.38
N VAL B 446 -10.02 -10.85 -7.87
CA VAL B 446 -9.73 -11.19 -6.48
C VAL B 446 -8.55 -12.14 -6.48
N LEU B 447 -7.41 -11.67 -5.97
CA LEU B 447 -6.21 -12.49 -5.89
C LEU B 447 -6.11 -13.16 -4.52
N LYS B 448 -5.32 -14.23 -4.46
CA LYS B 448 -5.12 -14.95 -3.22
C LYS B 448 -3.63 -14.98 -2.89
N PRO B 449 -3.24 -14.62 -1.67
CA PRO B 449 -1.83 -14.78 -1.29
C PRO B 449 -1.43 -16.24 -1.29
N LEU B 450 -0.12 -16.47 -1.36
CA LEU B 450 0.41 -17.83 -1.46
C LEU B 450 -0.08 -18.71 -0.31
N ARG B 451 -0.08 -18.18 0.91
CA ARG B 451 -0.41 -19.02 2.07
C ARG B 451 -1.87 -19.46 2.08
N MET B 452 -2.73 -18.87 1.27
CA MET B 452 -4.10 -19.32 1.11
C MET B 452 -4.27 -20.29 -0.05
N CYS B 453 -3.20 -20.69 -0.72
CA CYS B 453 -3.25 -21.52 -1.92
C CYS B 453 -2.79 -22.93 -1.60
N ALA B 454 -3.45 -23.92 -2.20
CA ALA B 454 -3.15 -25.31 -1.93
C ALA B 454 -1.86 -25.78 -2.58
N SER B 455 -1.35 -25.03 -3.56
CA SER B 455 -0.17 -25.46 -4.31
C SER B 455 0.48 -24.23 -4.93
N PRO B 456 1.77 -24.31 -5.26
CA PRO B 456 2.40 -23.19 -5.99
C PRO B 456 1.70 -22.88 -7.29
N ALA B 457 1.31 -23.92 -8.05
CA ALA B 457 0.68 -23.73 -9.35
C ALA B 457 -0.57 -22.87 -9.24
N GLU B 458 -1.36 -23.08 -8.20
CA GLU B 458 -2.56 -22.27 -8.00
C GLU B 458 -2.20 -20.81 -7.75
N TYR B 459 -1.23 -20.58 -6.87
CA TYR B 459 -0.82 -19.20 -6.58
C TYR B 459 -0.22 -18.54 -7.82
N GLU B 460 0.51 -19.31 -8.63
CA GLU B 460 1.20 -18.72 -9.77
C GLU B 460 0.25 -18.46 -10.94
N ARG B 461 -0.74 -19.33 -11.15
CA ARG B 461 -1.54 -19.26 -12.37
C ARG B 461 -2.49 -18.07 -12.38
N GLN B 462 -2.96 -17.63 -11.21
CA GLN B 462 -3.94 -16.55 -11.15
C GLN B 462 -3.40 -15.25 -11.77
N PHE B 463 -2.09 -15.05 -11.75
CA PHE B 463 -1.51 -13.84 -12.34
C PHE B 463 -1.53 -13.85 -13.86
N MET B 464 -1.89 -14.98 -14.48
CA MET B 464 -1.99 -15.10 -15.93
C MET B 464 -3.35 -15.57 -16.42
N PHE B 465 -4.08 -16.35 -15.62
CA PHE B 465 -5.33 -16.95 -16.04
C PHE B 465 -6.43 -16.61 -15.05
N ASP B 466 -7.67 -16.61 -15.54
CA ASP B 466 -8.83 -16.50 -14.67
C ASP B 466 -9.29 -17.90 -14.25
N GLU B 467 -10.36 -17.95 -13.45
CA GLU B 467 -10.84 -19.21 -12.91
C GLU B 467 -11.23 -20.20 -14.01
N HIS B 468 -11.63 -19.70 -15.18
CA HIS B 468 -12.08 -20.55 -16.28
C HIS B 468 -10.96 -20.91 -17.25
N GLY B 469 -9.70 -20.69 -16.88
CA GLY B 469 -8.59 -21.04 -17.74
C GLY B 469 -8.30 -20.05 -18.85
N ASN B 470 -9.05 -18.96 -18.94
CA ASN B 470 -8.81 -17.97 -19.98
C ASN B 470 -7.69 -17.02 -19.58
N PHE B 471 -7.01 -16.47 -20.58
CA PHE B 471 -5.96 -15.51 -20.33
C PHE B 471 -6.51 -14.28 -19.63
N ARG B 472 -5.83 -13.87 -18.55
CA ARG B 472 -6.25 -12.73 -17.75
C ARG B 472 -4.97 -12.19 -17.09
N LEU B 473 -4.20 -11.45 -17.87
CA LEU B 473 -2.88 -10.99 -17.43
C LEU B 473 -3.05 -9.80 -16.49
N VAL B 474 -2.71 -9.99 -15.23
CA VAL B 474 -3.06 -9.03 -14.18
C VAL B 474 -2.06 -7.89 -14.20
N CYS B 475 -2.58 -6.66 -14.24
CA CYS B 475 -1.76 -5.46 -14.20
C CYS B 475 -2.15 -4.57 -13.02
N TYR B 476 -1.25 -3.66 -12.68
CA TYR B 476 -1.52 -2.59 -11.73
C TYR B 476 -1.32 -1.24 -12.42
N PHE B 477 -2.31 -0.37 -12.26
CA PHE B 477 -2.22 1.04 -12.63
C PHE B 477 -2.61 1.87 -11.42
N SER B 478 -1.78 2.82 -11.04
CA SER B 478 -2.08 3.66 -9.89
C SER B 478 -3.42 4.35 -10.06
N PRO B 479 -4.37 4.19 -9.13
CA PRO B 479 -5.65 4.90 -9.24
C PRO B 479 -5.52 6.42 -9.30
N GLY B 480 -4.40 6.99 -8.83
CA GLY B 480 -4.17 8.41 -8.94
C GLY B 480 -4.11 8.92 -10.37
N LEU B 481 -3.97 8.03 -11.35
CA LEU B 481 -3.96 8.39 -12.76
C LEU B 481 -5.35 8.30 -13.38
N LEU B 482 -6.39 8.00 -12.59
CA LEU B 482 -7.75 8.04 -13.10
C LEU B 482 -8.23 9.48 -13.17
N PRO B 483 -9.09 9.81 -14.15
CA PRO B 483 -9.55 11.21 -14.28
C PRO B 483 -10.61 11.57 -13.24
N GLU B 493 -12.40 0.18 -17.13
CA GLU B 493 -11.40 1.20 -17.37
C GLU B 493 -10.06 0.57 -17.75
N ARG B 494 -9.37 1.17 -18.72
CA ARG B 494 -8.09 0.66 -19.19
C ARG B 494 -6.97 1.68 -19.01
N TRP B 495 -7.19 2.74 -18.24
CA TRP B 495 -6.18 3.76 -17.97
C TRP B 495 -5.63 4.37 -19.26
N HIS B 496 -6.50 4.48 -20.27
CA HIS B 496 -6.09 5.03 -21.56
C HIS B 496 -6.00 6.55 -21.53
N GLY B 497 -6.82 7.21 -20.71
CA GLY B 497 -6.73 8.65 -20.60
C GLY B 497 -5.36 9.12 -20.15
N ALA B 498 -4.65 8.29 -19.39
CA ALA B 498 -3.31 8.64 -18.96
C ALA B 498 -2.34 8.74 -20.12
N VAL B 499 -2.58 7.99 -21.20
CA VAL B 499 -1.70 8.03 -22.37
C VAL B 499 -1.71 9.42 -22.99
N ALA B 500 -2.92 9.98 -23.19
CA ALA B 500 -3.02 11.32 -23.76
C ALA B 500 -2.37 12.36 -22.86
N ASP B 501 -2.54 12.24 -21.55
CA ASP B 501 -1.93 13.20 -20.64
C ASP B 501 -0.41 13.11 -20.66
N LEU B 502 0.14 11.90 -20.80
CA LEU B 502 1.59 11.77 -20.88
C LEU B 502 2.13 12.34 -22.18
N TRP B 503 1.44 12.08 -23.30
CA TRP B 503 1.89 12.58 -24.59
C TRP B 503 1.91 14.10 -24.62
N ALA B 504 0.93 14.74 -23.98
CA ALA B 504 0.86 16.19 -23.98
C ALA B 504 2.07 16.83 -23.30
N LEU B 505 2.72 16.10 -22.40
CA LEU B 505 3.89 16.65 -21.72
C LEU B 505 5.11 16.75 -22.62
N ILE B 506 5.18 15.92 -23.65
CA ILE B 506 6.35 15.85 -24.52
C ILE B 506 6.26 16.92 -25.60
N ASP B 507 7.30 17.72 -25.70
CA ASP B 507 7.39 18.73 -26.75
C ASP B 507 7.45 18.03 -28.12
N PRO B 508 6.71 18.53 -29.12
CA PRO B 508 6.79 17.90 -30.45
C PRO B 508 8.19 17.84 -31.01
N ALA B 509 9.06 18.77 -30.61
CA ALA B 509 10.45 18.74 -31.04
C ALA B 509 11.20 17.54 -30.47
N ASP B 510 10.71 16.95 -29.37
CA ASP B 510 11.41 15.88 -28.69
C ASP B 510 10.81 14.49 -28.96
N HIS B 511 9.84 14.39 -29.87
CA HIS B 511 9.25 13.08 -30.17
C HIS B 511 10.32 12.07 -30.60
N HIS B 512 11.27 12.51 -31.41
CA HIS B 512 12.26 11.59 -31.99
C HIS B 512 13.11 10.90 -30.94
N ARG B 513 13.29 11.51 -29.76
CA ARG B 513 14.20 10.96 -28.77
C ARG B 513 13.47 10.34 -27.58
N VAL B 514 12.18 10.02 -27.73
CA VAL B 514 11.42 9.41 -26.65
C VAL B 514 10.71 8.16 -27.16
N MET B 515 10.42 7.27 -26.22
CA MET B 515 9.48 6.18 -26.40
C MET B 515 8.26 6.47 -25.53
N LEU B 516 7.06 6.25 -26.08
CA LEU B 516 5.84 6.67 -25.42
C LEU B 516 4.77 5.60 -25.61
N PRO B 517 3.90 5.43 -24.62
CA PRO B 517 2.80 4.46 -24.75
C PRO B 517 1.78 4.87 -25.81
N THR B 518 1.27 3.86 -26.51
CA THR B 518 0.02 3.95 -27.25
C THR B 518 -0.95 2.93 -26.64
N VAL B 519 -2.25 3.18 -26.82
CA VAL B 519 -3.24 2.40 -26.08
C VAL B 519 -3.25 0.94 -26.52
N GLU B 520 -2.90 0.68 -27.78
CA GLU B 520 -2.79 -0.69 -28.26
C GLU B 520 -1.60 -1.42 -27.66
N GLY B 521 -0.56 -0.70 -27.20
CA GLY B 521 0.63 -1.32 -26.67
C GLY B 521 1.69 -1.65 -27.71
N MET B 522 1.42 -1.43 -28.98
CA MET B 522 2.38 -1.65 -30.05
C MET B 522 2.18 -0.58 -31.10
N SER B 523 3.24 0.11 -31.46
CA SER B 523 3.18 1.16 -32.47
C SER B 523 4.61 1.58 -32.80
N GLU B 524 4.72 2.67 -33.56
CA GLU B 524 6.02 3.26 -33.87
C GLU B 524 6.70 3.86 -32.64
N HIS B 525 5.97 4.09 -31.55
CA HIS B 525 6.51 4.87 -30.44
C HIS B 525 6.66 4.09 -29.14
N ASP B 526 6.11 2.89 -29.02
CA ASP B 526 6.10 2.20 -27.73
C ASP B 526 7.48 1.66 -27.37
N ASN B 527 7.77 1.67 -26.07
CA ASN B 527 8.94 1.00 -25.50
C ASN B 527 8.65 -0.51 -25.44
N ASN B 528 8.65 -1.13 -26.62
CA ASN B 528 8.27 -2.53 -26.76
C ASN B 528 8.97 -3.09 -27.99
N TYR B 529 9.93 -3.99 -27.79
CA TYR B 529 10.72 -4.53 -28.87
C TYR B 529 10.16 -5.80 -29.46
N ALA B 530 9.06 -6.32 -28.93
CA ALA B 530 8.51 -7.61 -29.35
C ALA B 530 7.65 -7.41 -30.60
N ASP B 531 8.15 -7.88 -31.74
CA ASP B 531 7.48 -7.73 -33.04
C ASP B 531 7.18 -6.27 -33.34
N ASN B 532 8.16 -5.42 -33.07
CA ASN B 532 8.12 -4.00 -33.42
C ASN B 532 8.42 -3.83 -34.91
N PRO B 533 7.51 -3.24 -35.70
CA PRO B 533 7.74 -3.19 -37.15
C PRO B 533 8.96 -2.40 -37.58
N PHE B 534 9.24 -1.26 -36.96
CA PHE B 534 10.44 -0.50 -37.32
C PHE B 534 11.70 -1.31 -37.05
N LEU B 535 11.78 -1.95 -35.88
CA LEU B 535 12.99 -2.68 -35.52
C LEU B 535 13.17 -3.93 -36.37
N THR B 536 12.07 -4.53 -36.82
CA THR B 536 12.18 -5.71 -37.69
C THR B 536 12.91 -5.38 -38.98
N SER B 537 12.76 -4.15 -39.48
CA SER B 537 13.40 -3.79 -40.75
C SER B 537 14.89 -3.56 -40.60
N LEU B 538 15.35 -3.15 -39.41
CA LEU B 538 16.74 -2.71 -39.26
C LEU B 538 17.73 -3.80 -39.59
N GLY B 539 17.43 -5.05 -39.22
CA GLY B 539 18.35 -6.14 -39.50
C GLY B 539 18.61 -6.30 -40.99
N GLY B 540 17.54 -6.33 -41.79
CA GLY B 540 17.71 -6.44 -43.24
C GLY B 540 18.46 -5.27 -43.84
N LEU B 541 18.42 -4.11 -43.18
CA LEU B 541 19.13 -2.93 -43.65
C LEU B 541 20.55 -2.84 -43.13
N GLY B 542 21.02 -3.83 -42.38
CA GLY B 542 22.40 -3.85 -41.93
C GLY B 542 22.69 -3.07 -40.67
N TYR B 543 21.68 -2.65 -39.92
CA TYR B 543 21.90 -1.94 -38.67
C TYR B 543 22.05 -2.91 -37.52
N THR B 544 22.87 -2.54 -36.55
CA THR B 544 23.22 -3.40 -35.43
C THR B 544 23.15 -2.60 -34.12
N GLY B 545 23.45 -3.27 -33.01
CA GLY B 545 23.49 -2.64 -31.71
C GLY B 545 22.17 -2.77 -30.98
N ALA B 546 22.11 -2.10 -29.83
CA ALA B 546 20.89 -2.10 -29.04
C ALA B 546 19.75 -1.52 -29.85
N PHE B 547 18.55 -2.11 -29.69
CA PHE B 547 17.41 -1.71 -30.49
C PHE B 547 17.03 -0.24 -30.29
N TRP B 548 17.49 0.39 -29.21
CA TRP B 548 17.23 1.81 -28.97
C TRP B 548 18.31 2.72 -29.51
N SER B 549 19.44 2.17 -29.98
CA SER B 549 20.57 3.01 -30.38
C SER B 549 20.34 3.75 -31.70
N HIS B 550 19.37 3.33 -32.51
CA HIS B 550 19.04 4.01 -33.75
C HIS B 550 17.66 4.65 -33.72
N TRP B 551 17.08 4.76 -32.52
CA TRP B 551 15.74 5.31 -32.35
C TRP B 551 15.65 6.76 -32.83
N ARG B 552 16.71 7.55 -32.59
CA ARG B 552 16.69 8.97 -32.92
C ARG B 552 16.62 9.21 -34.44
N GLY B 553 17.38 8.45 -35.22
CA GLY B 553 17.42 8.67 -36.66
C GLY B 553 16.50 7.73 -37.42
N ARG B 554 15.43 7.31 -36.76
CA ARG B 554 14.53 6.31 -37.32
C ARG B 554 13.84 6.77 -38.60
N GLU B 555 13.45 8.06 -38.67
CA GLU B 555 12.88 8.57 -39.91
C GLU B 555 13.92 8.58 -41.03
N GLU B 556 15.14 9.00 -40.74
CA GLU B 556 16.19 9.00 -41.76
C GLU B 556 16.48 7.58 -42.23
N ILE B 557 16.37 6.59 -41.34
CA ILE B 557 16.58 5.20 -41.74
C ILE B 557 15.49 4.75 -42.69
N MET B 558 14.25 5.21 -42.48
CA MET B 558 13.18 4.88 -43.42
C MET B 558 13.40 5.59 -44.76
N ARG B 559 13.81 6.85 -44.72
CA ARG B 559 14.14 7.57 -45.95
C ARG B 559 15.25 6.86 -46.71
N LYS B 560 16.28 6.42 -46.00
CA LYS B 560 17.38 5.71 -46.64
C LYS B 560 16.92 4.37 -47.20
N ALA B 561 15.93 3.74 -46.56
CA ALA B 561 15.42 2.45 -47.04
C ALA B 561 14.78 2.59 -48.42
N ARG B 562 14.09 3.70 -48.67
CA ARG B 562 13.50 3.92 -49.98
C ARG B 562 14.53 4.25 -51.04
N GLU B 563 15.75 4.59 -50.65
CA GLU B 563 16.84 4.80 -51.60
C GLU B 563 17.95 3.75 -51.42
FE1 SF4 C . -24.63 12.10 26.90
FE2 SF4 C . -24.75 12.91 24.28
FE3 SF4 C . -23.81 10.42 24.90
FE4 SF4 C . -22.32 12.63 25.51
S1 SF4 C . -22.89 11.91 23.43
S2 SF4 C . -22.73 10.83 26.86
S3 SF4 C . -23.95 14.12 26.05
S4 SF4 C . -25.92 11.22 25.25
CO B12 D . -13.49 8.23 20.08
N21 B12 D . -13.32 9.98 20.78
N22 B12 D . -11.73 7.83 20.72
N23 B12 D . -13.68 6.65 19.01
N24 B12 D . -15.12 8.91 19.38
C1 B12 D . -14.30 10.99 20.42
C20 B12 D . -13.74 11.80 19.27
C2 B12 D . -14.51 11.77 21.79
C25 B12 D . -15.00 13.21 21.63
C26 B12 D . -15.46 11.03 22.75
C27 B12 D . -15.91 11.88 23.94
O28 B12 D . -15.08 12.26 24.77
N29 B12 D . -17.20 12.18 24.04
C3 B12 D . -13.08 11.65 22.42
C30 B12 D . -12.14 12.83 22.10
C31 B12 D . -11.96 13.81 23.26
C32 B12 D . -10.91 14.88 23.03
O34 B12 D . -10.12 14.80 22.09
N33 B12 D . -10.90 15.88 23.90
C4 B12 D . -12.65 10.33 21.84
C5 B12 D . -11.55 9.53 22.42
C35 B12 D . -11.05 10.09 23.71
C6 B12 D . -11.06 8.41 21.79
C7 B12 D . -9.86 7.55 22.16
C36 B12 D . -8.57 8.38 22.39
C37 B12 D . -10.24 6.67 23.38
C38 B12 D . -9.07 5.79 23.86
O39 B12 D . -8.75 4.78 23.23
N40 B12 D . -8.46 6.16 24.96
C8 B12 D . -9.68 6.67 20.89
C41 B12 D . -8.76 7.26 19.81
C42 B12 D . -8.61 6.37 18.57
C43 B12 D . -7.76 6.97 17.46
O44 B12 D . -7.72 8.19 17.28
N45 B12 D . -7.09 6.10 16.71
C9 B12 D . -11.10 6.69 20.37
C10 B12 D . -11.64 5.60 19.72
C11 B12 D . -12.89 5.57 19.15
C12 B12 D . -13.50 4.35 18.50
C46 B12 D . -12.44 3.49 17.78
C47 B12 D . -14.21 3.50 19.58
C13 B12 D . -14.46 4.98 17.45
C48 B12 D . -13.88 5.15 16.03
C49 B12 D . -14.57 4.29 14.98
C50 B12 D . -14.10 4.56 13.56
O51 B12 D . -14.02 5.71 13.13
N52 B12 D . -13.80 3.49 12.84
C14 B12 D . -14.70 6.37 18.10
C15 B12 D . -15.77 7.15 17.79
C53 B12 D . -16.80 6.64 16.82
C16 B12 D . -15.90 8.54 18.39
C17 B12 D . -16.96 9.58 18.03
C54 B12 D . -18.33 9.20 18.62
C55 B12 D . -17.14 9.91 16.52
C56 B12 D . -15.84 10.31 15.81
C57 B12 D . -16.17 10.58 14.37
O58 B12 D . -15.67 9.90 13.46
N59 B12 D . -17.04 11.56 14.14
C18 B12 D . -16.33 10.82 18.68
C60 B12 D . -17.28 11.97 19.09
C61 B12 D . -18.02 12.62 17.94
O63 B12 D . -17.41 13.00 16.94
N62 B12 D . -19.33 12.75 18.08
C19 B12 D . -15.55 10.24 19.86
C1P B12 D . -17.48 11.94 12.81
C2P B12 D . -16.40 12.86 12.11
C3P B12 D . -16.73 13.05 10.65
O3 B12 D . -16.48 14.14 12.69
O4 B12 D . -15.54 15.66 14.56
O5 B12 D . -14.01 14.16 13.24
P B12 D . -15.27 15.01 13.24
O2 B12 D . -15.04 16.01 12.02
C3R B12 D . -15.83 17.14 11.71
C2R B12 D . -15.53 18.38 12.55
O7R B12 D . -14.73 18.02 13.69
C1R B12 D . -14.76 19.27 11.56
O6R B12 D . -15.30 18.97 10.28
C4R B12 D . -15.58 17.57 10.25
C5R B12 D . -16.74 17.31 9.30
O8R B12 D . -17.97 17.76 9.83
N1B B12 D . -13.31 19.09 11.52
C8B B12 D . -12.44 19.98 10.90
C2B B12 D . -12.57 17.96 11.77
N3B B12 D . -11.33 18.05 11.39
C9B B12 D . -11.23 19.31 10.83
C4B B12 D . -10.13 19.95 10.25
C5B B12 D . -10.26 21.25 9.75
C5M B12 D . -9.07 21.91 9.11
C6B B12 D . -11.51 21.91 9.85
C6M B12 D . -11.67 23.33 9.33
C7B B12 D . -12.60 21.27 10.43
N SA8 E . -20.49 9.30 22.03
CA SA8 E . -19.94 8.85 23.33
C SA8 E . -18.42 8.90 23.30
O SA8 E . -17.92 9.21 24.46
OXT SA8 E . -17.76 8.68 22.31
CB SA8 E . -20.44 7.41 23.70
CG SA8 E . -20.47 7.18 25.20
ND SA8 E . -19.15 6.98 25.80
CE SA8 E . -18.50 5.80 25.22
C5' SA8 E . -19.22 6.96 27.26
C4' SA8 E . -17.88 6.67 27.91
O4' SA8 E . -16.89 7.60 27.44
C3' SA8 E . -17.88 6.89 29.42
O3' SA8 E . -18.41 5.76 30.11
C2' SA8 E . -16.40 7.10 29.71
O2' SA8 E . -15.73 5.86 29.87
C1' SA8 E . -15.92 7.81 28.44
N9 SA8 E . -15.72 9.26 28.61
C8 SA8 E . -16.36 10.26 27.93
N7 SA8 E . -15.99 11.48 28.30
C5 SA8 E . -15.04 11.24 29.28
C6 SA8 E . -14.26 12.11 30.07
N6 SA8 E . -14.35 13.44 30.03
N1 SA8 E . -13.38 11.55 30.93
C2 SA8 E . -13.30 10.22 31.01
N3 SA8 E . -14.01 9.30 30.33
C4 SA8 E . -14.85 9.88 29.48
N TRP F . -14.85 2.74 25.71
CA TRP F . -14.95 3.29 24.36
C TRP F . -15.47 2.23 23.40
O TRP F . -15.86 2.55 22.27
CB TRP F . -13.58 3.81 23.89
CG TRP F . -12.90 4.71 24.89
CD1 TRP F . -11.88 4.38 25.71
CD2 TRP F . -13.22 6.08 25.16
NE1 TRP F . -11.52 5.46 26.49
CE2 TRP F . -12.33 6.52 26.17
CE3 TRP F . -14.15 6.99 24.65
CZ2 TRP F . -12.36 7.82 26.68
CZ3 TRP F . -14.17 8.28 25.16
CH2 TRP F . -13.28 8.68 26.16
OXT TRP F . -15.49 1.05 23.73
FE1 SF4 G . 16.08 -4.11 -9.49
FE2 SF4 G . 17.66 -6.32 -9.78
FE3 SF4 G . 17.48 -4.48 -11.80
FE4 SF4 G . 15.36 -6.10 -11.21
S1 SF4 G . 17.39 -6.75 -12.00
S2 SF4 G . 15.30 -3.86 -11.62
S3 SF4 G . 15.55 -6.27 -8.95
S4 SF4 G . 18.34 -4.15 -9.72
CO B12 H . 14.44 -8.98 -21.98
N21 B12 H . 13.33 -9.81 -20.72
N22 B12 H . 12.95 -8.84 -23.18
N23 B12 H . 15.75 -8.36 -23.24
N24 B12 H . 15.82 -9.47 -20.78
C1 B12 H . 13.92 -10.48 -19.56
C20 B12 H . 14.05 -11.95 -19.93
C2 B12 H . 12.90 -10.14 -18.40
C25 B12 H . 12.93 -11.14 -17.23
C26 B12 H . 13.08 -8.74 -17.80
C27 B12 H . 12.29 -8.48 -16.50
O28 B12 H . 11.05 -8.57 -16.52
N29 B12 H . 12.98 -8.18 -15.42
C3 B12 H . 11.56 -10.10 -19.19
C30 B12 H . 10.79 -11.44 -19.23
C31 B12 H . 9.61 -11.49 -18.26
C32 B12 H . 8.66 -12.66 -18.49
O34 B12 H . 8.75 -13.35 -19.50
N33 B12 H . 7.77 -12.88 -17.54
C4 B12 H . 12.05 -9.63 -20.54
C5 B12 H . 11.17 -9.05 -21.57
C35 B12 H . 9.77 -8.82 -21.10
C6 B12 H . 11.62 -8.80 -22.86
C7 B12 H . 10.81 -8.35 -24.07
C36 B12 H . 9.56 -9.20 -24.35
C37 B12 H . 10.51 -6.84 -23.88
C38 B12 H . 9.71 -6.27 -25.04
O39 B12 H . 10.29 -5.93 -26.08
N40 B12 H . 8.41 -6.14 -24.87
C8 B12 H . 11.83 -8.56 -25.24
C41 B12 H . 11.78 -9.94 -25.91
C42 B12 H . 12.78 -10.11 -27.06
C43 B12 H . 12.79 -11.48 -27.70
O44 B12 H . 12.65 -12.51 -27.03
N45 B12 H . 12.96 -11.51 -29.01
C9 B12 H . 13.12 -8.45 -24.45
C10 B12 H . 14.24 -7.91 -25.04
C11 B12 H . 15.46 -7.81 -24.43
C12 B12 H . 16.66 -7.17 -25.09
C46 B12 H . 16.63 -7.33 -26.61
C47 B12 H . 16.72 -5.67 -24.74
C13 B12 H . 17.82 -7.99 -24.46
C48 B12 H . 18.30 -9.17 -25.33
C49 B12 H . 19.69 -8.93 -25.93
C50 B12 H . 20.33 -10.17 -26.50
O51 B12 H . 20.31 -11.24 -25.87
N52 B12 H . 20.93 -10.04 -27.68
C14 B12 H . 17.15 -8.53 -23.17
C15 B12 H . 17.86 -9.03 -22.11
C53 B12 H . 19.35 -9.04 -22.15
C16 B12 H . 17.12 -9.60 -20.88
C17 B12 H . 17.76 -10.24 -19.66
C54 B12 H . 18.39 -9.13 -18.78
C55 B12 H . 18.81 -11.36 -19.88
C56 B12 H . 18.31 -12.49 -20.78
C57 B12 H . 19.42 -13.49 -20.93
O58 B12 H . 19.90 -13.77 -22.03
N59 B12 H . 19.87 -14.05 -19.80
C18 B12 H . 16.52 -10.88 -19.01
C60 B12 H . 16.55 -11.07 -17.48
C61 B12 H . 17.62 -12.03 -16.99
O63 B12 H . 17.79 -13.12 -17.53
N62 B12 H . 18.35 -11.61 -15.97
C19 B12 H . 15.38 -9.93 -19.44
C1P B12 H . 20.94 -15.03 -19.76
C2P B12 H . 20.44 -16.46 -20.21
C3P B12 H . 21.61 -17.39 -20.40
O3 B12 H . 19.65 -16.99 -19.19
O4 B12 H . 17.53 -17.42 -20.64
O5 B12 H . 17.44 -17.35 -18.12
P B12 H . 18.24 -17.70 -19.37
O2 B12 H . 18.64 -19.23 -19.21
C3R B12 H . 19.01 -19.92 -18.04
C2R B12 H . 17.83 -20.39 -17.17
O7R B12 H . 16.63 -19.69 -17.49
C1R B12 H . 17.75 -21.88 -17.50
O6R B12 H . 19.07 -22.29 -17.77
C4R B12 H . 19.73 -21.21 -18.46
C5R B12 H . 21.21 -21.25 -18.18
O8R B12 H . 21.48 -20.99 -16.81
N1B B12 H . 16.90 -22.24 -18.63
C8B B12 H . 16.45 -23.52 -18.89
C2B B12 H . 16.59 -21.49 -19.73
N3B B12 H . 15.97 -22.18 -20.68
C9B B12 H . 15.88 -23.46 -20.15
C4B B12 H . 15.32 -24.61 -20.70
C5B B12 H . 15.35 -25.81 -20.00
C5M B12 H . 14.75 -27.05 -20.62
C6B B12 H . 15.94 -25.86 -18.71
C6M B12 H . 16.00 -27.15 -17.94
C7B B12 H . 16.49 -24.70 -18.16
N SA8 I . 17.53 -6.38 -15.64
CA SA8 I . 16.43 -5.42 -15.88
C SA8 I . 15.51 -5.94 -16.98
O SA8 I . 14.26 -5.64 -16.77
OXT SA8 I . 15.92 -6.56 -17.95
CB SA8 I . 16.96 -4.00 -16.26
CG SA8 I . 15.97 -2.93 -15.85
ND SA8 I . 14.77 -2.89 -16.68
CE SA8 I . 15.12 -2.67 -18.09
C5' SA8 I . 13.84 -1.90 -16.14
C4' SA8 I . 12.60 -1.69 -17.00
O4' SA8 I . 11.97 -2.96 -17.26
C3' SA8 I . 11.53 -0.90 -16.26
O3' SA8 I . 11.76 0.51 -16.36
C2' SA8 I . 10.26 -1.32 -17.01
O2' SA8 I . 10.07 -0.54 -18.19
C1' SA8 I . 10.57 -2.78 -17.37
N9 SA8 I . 9.89 -3.76 -16.53
C8 SA8 I . 10.48 -4.72 -15.73
N7 SA8 I . 9.62 -5.45 -15.07
C5 SA8 I . 8.38 -4.95 -15.46
C6 SA8 I . 7.06 -5.30 -15.12
N6 SA8 I . 6.74 -6.24 -14.22
N1 SA8 I . 6.06 -4.63 -15.72
C2 SA8 I . 6.36 -3.66 -16.59
N3 SA8 I . 7.57 -3.22 -16.97
C4 SA8 I . 8.55 -3.92 -16.36
N TRP J . 13.05 -1.18 -22.40
CA TRP J . 13.91 -2.36 -22.46
C TRP J . 15.22 -2.04 -23.17
O TRP J . 16.14 -2.85 -23.19
CB TRP J . 13.20 -3.51 -23.18
CG TRP J . 11.79 -3.71 -22.71
CD1 TRP J . 10.66 -3.21 -23.30
CD2 TRP J . 11.36 -4.44 -21.56
NE1 TRP J . 9.55 -3.60 -22.59
CE2 TRP J . 9.95 -4.34 -21.51
CE3 TRP J . 12.03 -5.17 -20.58
CZ2 TRP J . 9.20 -4.96 -20.51
CZ3 TRP J . 11.27 -5.77 -19.57
CH2 TRP J . 9.87 -5.66 -19.56
OXT TRP J . 15.37 -0.95 -23.73
#